data_9PCA
#
_entry.id   9PCA
#
_cell.length_a   102.807
_cell.length_b   139.139
_cell.length_c   179.354
_cell.angle_alpha   90.00
_cell.angle_beta   90.00
_cell.angle_gamma   90.00
#
_symmetry.space_group_name_H-M   'I 2 2 2'
#
loop_
_entity.id
_entity.type
_entity.pdbx_description
1 polymer 'Protein arginine N-methyltransferase 5'
2 polymer 'Methylosome protein WDR77'
3 non-polymer (1S,2R,3S,5R)-3-{2-[2-amino-6-(2-hydroxyethyl)quinolin-7-yl]ethyl}-5-(7H-pyrrolo[2,3-d]pyrimidin-7-yl)cyclopentane-1,2-diol
4 non-polymer 1,2-ETHANEDIOL
5 non-polymer GLYCEROL
6 water water
#
loop_
_entity_poly.entity_id
_entity_poly.type
_entity_poly.pdbx_seq_one_letter_code
_entity_poly.pdbx_strand_id
1 'polypeptide(L)'
;MDYKDDDDKAAMAVGGAGGSRVSSGRDLNCVPEIADTLGAVAKQGFDFLCMPVFHPRFKREFIQEPAKNRPGPQTRSDLL
LSGRDWNTLIVGKLSPWIRPDSKVEKIRRNSEAAMLQELNFGAYLGLPAFLLPLNQEDNTNLARVLTNHIHTGHHSSMFW
MRVPLVAPEDLRDDIIENAPTTHTEEYSGEEKTWMWWHNFRTLCDYSKRIAVALEIGADLPSNHVIDRWLGEPIKAAILP
TSIFLTNKKGFPVLSKMHQRLIFRLLKLEVQFIITGTNHHSEKEFCSYLQYLEYLSQNRPPPNAYELFAKGYEDYLQSPL
QPLMDNLESQTYEVFEKDPIKYSQYQQAIYKCLLDRVPEEEKDTNVQVLMVLGAGRGPLVNASLRAAKQADRRIKLYAVE
KNPNAVVTLENWQFEEWGSQVTVVSSDMREWVAPEKADIIVSELLGSFADNELSPECLDGAQHFLKDDGVSIPGEYTSFL
APISSSKLYNEVRACREKDRDPEAQFEMPYVVRLHNFHQLSAPQPCFTFSHPNRDPMIDNNRYCTLEFPVEVNTVLHGFA
GYFETVLYQDITLSIRPETHSPGMFSWFPILFPIKQPITVREGQTICVRFWRCSNSKKVWYEWAVTAPVCSAIHNPTGRS
YTIGL
;
A
2 'polypeptide(L)'
;MHHHHHHRKETPPPLVPPAAREWNLPPNAPACMERQLEAARYRSDGALLLGASSLSGRCWAGSLWLFKDPCAAPNEGFCS
AGVQTEAGVADLTWVGERGILVASDSGAVELWELDENETLIVSKFCKYEHDDIVSTVSVLSSGTQAVSGSKDICIKVWDL
AQQVVLSSYRAHAAQVTCVAASPHKDSVFLSCSEDNRILLWDTRCPKPASQIGCSAPGYLPTSLAWHPQQSEVFVFGDEN
GTVSLVDTKSTSCVLSSAVHSQCVTGLVFSPHSVPFLASLSEDCSLAVLDSSLSELFRSQAHRDFVRDATWSPLNHSLLT
TVGWDHQVVHHVVPTEPLPAPGPASVTE
;
B
#
# COMPACT_ATOMS: atom_id res chain seq x y z
N ARG A 21 -11.33 4.53 -17.64
CA ARG A 21 -10.63 3.22 -17.43
C ARG A 21 -9.93 3.20 -16.07
N VAL A 22 -9.61 1.99 -15.58
CA VAL A 22 -8.86 1.73 -14.32
C VAL A 22 -7.47 1.18 -14.69
N SER A 23 -6.40 1.79 -14.16
CA SER A 23 -5.01 1.30 -14.30
C SER A 23 -4.82 0.09 -13.37
N SER A 24 -4.53 -1.08 -13.94
CA SER A 24 -4.47 -2.39 -13.23
C SER A 24 -3.23 -3.18 -13.66
N GLY A 25 -2.73 -4.03 -12.77
CA GLY A 25 -1.56 -4.90 -13.02
C GLY A 25 -1.81 -6.32 -12.57
N ARG A 26 -1.03 -7.27 -13.10
CA ARG A 26 -1.04 -8.70 -12.73
C ARG A 26 0.16 -8.97 -11.82
N ASP A 27 -0.06 -9.64 -10.68
CA ASP A 27 1.00 -10.13 -9.77
C ASP A 27 1.26 -11.61 -10.08
N LEU A 28 2.49 -11.95 -10.46
CA LEU A 28 2.96 -13.33 -10.70
C LEU A 28 4.24 -13.58 -9.89
N ASN A 29 4.39 -14.79 -9.35
CA ASN A 29 5.64 -15.30 -8.73
C ASN A 29 6.18 -16.47 -9.57
N CYS A 30 5.63 -16.66 -10.79
CA CYS A 30 6.10 -17.65 -11.80
C CYS A 30 6.04 -17.00 -13.18
N VAL A 31 7.20 -16.73 -13.77
CA VAL A 31 7.36 -16.18 -15.15
C VAL A 31 8.36 -17.09 -15.86
N PRO A 32 7.91 -18.19 -16.53
CA PRO A 32 8.81 -19.05 -17.29
C PRO A 32 9.51 -18.33 -18.45
N GLU A 33 8.73 -17.64 -19.29
CA GLU A 33 9.23 -16.83 -20.45
C GLU A 33 8.64 -15.41 -20.32
N ILE A 34 9.49 -14.43 -20.00
CA ILE A 34 9.09 -13.00 -19.75
C ILE A 34 8.32 -12.44 -20.96
N ALA A 35 8.71 -12.82 -22.19
CA ALA A 35 8.12 -12.34 -23.47
C ALA A 35 6.68 -12.84 -23.61
N ASP A 36 6.48 -14.16 -23.52
CA ASP A 36 5.14 -14.83 -23.61
C ASP A 36 4.23 -14.33 -22.50
N THR A 37 4.74 -14.30 -21.27
CA THR A 37 4.00 -13.89 -20.03
C THR A 37 3.42 -12.48 -20.22
N LEU A 38 4.26 -11.52 -20.62
CA LEU A 38 3.88 -10.09 -20.76
C LEU A 38 2.82 -9.94 -21.87
N GLY A 39 3.00 -10.65 -22.99
CA GLY A 39 2.04 -10.70 -24.11
C GLY A 39 0.67 -11.18 -23.66
N ALA A 40 0.63 -12.26 -22.87
CA ALA A 40 -0.60 -12.83 -22.26
C ALA A 40 -1.22 -11.81 -21.30
N VAL A 41 -0.41 -11.26 -20.39
CA VAL A 41 -0.82 -10.28 -19.34
C VAL A 41 -1.40 -9.03 -20.03
N ALA A 42 -0.76 -8.56 -21.10
CA ALA A 42 -1.20 -7.40 -21.91
C ALA A 42 -2.54 -7.72 -22.60
N LYS A 43 -2.67 -8.92 -23.18
CA LYS A 43 -3.88 -9.40 -23.89
C LYS A 43 -5.07 -9.46 -22.93
N GLN A 44 -4.87 -9.94 -21.71
CA GLN A 44 -5.88 -10.00 -20.61
C GLN A 44 -6.39 -8.58 -20.28
N GLY A 45 -5.56 -7.55 -20.51
CA GLY A 45 -5.93 -6.12 -20.40
C GLY A 45 -5.24 -5.39 -19.26
N PHE A 46 -4.22 -6.01 -18.62
CA PHE A 46 -3.43 -5.40 -17.52
C PHE A 46 -2.44 -4.39 -18.10
N ASP A 47 -2.26 -3.25 -17.42
CA ASP A 47 -1.37 -2.14 -17.84
C ASP A 47 0.09 -2.45 -17.49
N PHE A 48 0.35 -3.21 -16.42
CA PHE A 48 1.72 -3.58 -15.96
C PHE A 48 1.75 -4.98 -15.34
N LEU A 49 2.95 -5.48 -15.07
CA LEU A 49 3.23 -6.84 -14.54
C LEU A 49 4.15 -6.74 -13.32
N CYS A 50 3.69 -7.22 -12.15
CA CYS A 50 4.52 -7.41 -10.93
C CYS A 50 5.14 -8.82 -10.99
N MET A 51 6.47 -8.90 -11.13
CA MET A 51 7.21 -10.18 -11.31
C MET A 51 8.54 -10.12 -10.59
N PRO A 52 9.16 -11.27 -10.26
CA PRO A 52 10.52 -11.30 -9.70
C PRO A 52 11.58 -11.03 -10.77
N VAL A 53 12.63 -10.29 -10.38
CA VAL A 53 13.76 -9.88 -11.28
C VAL A 53 14.88 -10.92 -11.20
N PHE A 54 14.99 -11.63 -10.06
CA PHE A 54 15.76 -12.88 -9.87
C PHE A 54 14.77 -13.98 -9.45
N HIS A 55 14.97 -15.23 -9.91
CA HIS A 55 14.08 -16.39 -9.64
C HIS A 55 13.89 -16.53 -8.12
N PRO A 56 12.64 -16.52 -7.62
CA PRO A 56 12.40 -16.42 -6.17
C PRO A 56 12.88 -17.61 -5.32
N ARG A 57 13.13 -18.78 -5.93
CA ARG A 57 13.70 -19.99 -5.25
C ARG A 57 15.23 -20.00 -5.34
N PHE A 58 15.85 -19.07 -6.06
CA PHE A 58 17.31 -19.03 -6.34
C PHE A 58 18.04 -18.28 -5.22
N LYS A 59 18.17 -18.93 -4.05
CA LYS A 59 18.98 -18.44 -2.90
C LYS A 59 20.45 -18.33 -3.32
N ARG A 60 21.13 -17.25 -2.93
CA ARG A 60 22.53 -16.95 -3.32
C ARG A 60 23.36 -16.69 -2.05
N GLU A 61 24.65 -17.05 -2.10
CA GLU A 61 25.65 -16.91 -1.01
C GLU A 61 26.65 -15.82 -1.42
N PHE A 62 27.15 -15.04 -0.45
CA PHE A 62 28.08 -13.90 -0.66
C PHE A 62 29.32 -13.96 0.25
N ILE A 63 29.48 -15.01 1.08
CA ILE A 63 30.58 -15.09 2.10
C ILE A 63 31.23 -16.49 2.04
N GLN A 64 30.48 -17.54 2.38
CA GLN A 64 31.00 -18.91 2.61
C GLN A 64 31.21 -19.65 1.27
N GLU A 65 32.44 -20.07 0.98
CA GLU A 65 32.78 -20.96 -0.18
C GLU A 65 32.23 -22.36 0.12
N PRO A 66 31.84 -23.18 -0.88
CA PRO A 66 32.00 -22.87 -2.31
C PRO A 66 30.82 -22.12 -3.00
N ALA A 67 29.63 -22.11 -2.39
CA ALA A 67 28.37 -21.54 -2.95
C ALA A 67 28.57 -20.07 -3.36
N LYS A 68 29.45 -19.35 -2.67
CA LYS A 68 29.90 -17.95 -2.99
C LYS A 68 30.25 -17.83 -4.48
N ASN A 69 30.97 -18.81 -5.04
CA ASN A 69 31.59 -18.78 -6.40
C ASN A 69 30.72 -19.47 -7.44
N ARG A 70 29.39 -19.52 -7.24
CA ARG A 70 28.42 -20.11 -8.22
C ARG A 70 28.59 -19.41 -9.56
N PRO A 71 28.85 -20.15 -10.68
CA PRO A 71 29.01 -19.52 -11.99
C PRO A 71 27.69 -18.91 -12.47
N GLY A 72 27.78 -17.80 -13.21
CA GLY A 72 26.62 -17.00 -13.68
C GLY A 72 26.00 -17.60 -14.94
N PRO A 73 25.00 -16.94 -15.58
CA PRO A 73 24.44 -15.67 -15.09
C PRO A 73 23.57 -15.84 -13.83
N GLN A 74 23.41 -14.76 -13.06
CA GLN A 74 22.66 -14.74 -11.78
C GLN A 74 21.17 -14.57 -12.04
N THR A 75 20.79 -13.95 -13.17
CA THR A 75 19.37 -13.81 -13.61
C THR A 75 19.31 -13.59 -15.13
N ARG A 76 18.11 -13.31 -15.65
CA ARG A 76 17.82 -13.04 -17.08
C ARG A 76 18.58 -11.82 -17.60
N SER A 77 18.76 -11.74 -18.91
CA SER A 77 19.34 -10.59 -19.62
C SER A 77 18.33 -9.44 -19.65
N ASP A 78 18.81 -8.21 -19.47
CA ASP A 78 18.04 -6.94 -19.66
C ASP A 78 17.57 -6.81 -21.12
N LEU A 79 18.18 -7.52 -22.07
CA LEU A 79 17.89 -7.41 -23.53
C LEU A 79 16.57 -8.10 -23.90
N LEU A 80 15.94 -8.87 -23.00
CA LEU A 80 14.70 -9.65 -23.30
C LEU A 80 13.49 -8.71 -23.48
N LEU A 81 13.52 -7.50 -22.91
CA LEU A 81 12.51 -6.43 -23.17
C LEU A 81 13.22 -5.15 -23.62
N SER A 82 12.48 -4.25 -24.27
CA SER A 82 12.92 -2.88 -24.63
C SER A 82 12.97 -2.03 -23.36
N GLY A 83 13.86 -1.01 -23.34
CA GLY A 83 13.93 -0.01 -22.27
C GLY A 83 12.56 0.50 -21.87
N ARG A 84 11.75 0.89 -22.87
CA ARG A 84 10.38 1.44 -22.70
C ARG A 84 9.53 0.49 -21.85
N ASP A 85 9.64 -0.83 -22.07
CA ASP A 85 8.85 -1.88 -21.37
C ASP A 85 9.24 -1.91 -19.89
N TRP A 86 10.55 -1.99 -19.58
CA TRP A 86 11.08 -1.98 -18.20
C TRP A 86 10.57 -0.75 -17.46
N ASN A 87 10.66 0.42 -18.09
CA ASN A 87 10.31 1.75 -17.51
C ASN A 87 8.81 1.87 -17.24
N THR A 88 7.96 1.18 -18.01
CA THR A 88 6.48 1.40 -18.03
C THR A 88 5.71 0.17 -17.55
N LEU A 89 6.06 -1.04 -17.99
CA LEU A 89 5.20 -2.26 -17.89
C LEU A 89 5.63 -3.19 -16.74
N ILE A 90 6.83 -3.05 -16.17
CA ILE A 90 7.41 -4.01 -15.19
C ILE A 90 7.48 -3.36 -13.79
N VAL A 91 7.05 -4.09 -12.75
CA VAL A 91 7.24 -3.75 -11.32
C VAL A 91 8.07 -4.88 -10.68
N GLY A 92 9.22 -4.56 -10.11
CA GLY A 92 10.12 -5.54 -9.45
C GLY A 92 9.54 -6.03 -8.14
N LYS A 93 9.95 -7.21 -7.69
CA LYS A 93 9.53 -7.85 -6.42
C LYS A 93 10.76 -8.39 -5.69
N LEU A 94 10.84 -8.17 -4.38
CA LEU A 94 11.93 -8.70 -3.53
C LEU A 94 11.70 -10.21 -3.37
N SER A 95 12.71 -11.02 -3.72
CA SER A 95 12.73 -12.50 -3.47
C SER A 95 12.39 -12.75 -2.01
N PRO A 96 11.42 -13.65 -1.69
CA PRO A 96 10.85 -13.71 -0.34
C PRO A 96 11.74 -14.43 0.69
N TRP A 97 12.83 -15.08 0.26
CA TRP A 97 13.88 -15.67 1.14
C TRP A 97 14.76 -14.57 1.75
N ILE A 98 14.79 -13.38 1.14
CA ILE A 98 15.55 -12.19 1.66
C ILE A 98 14.90 -11.77 2.97
N ARG A 99 15.57 -12.05 4.09
CA ARG A 99 15.11 -11.76 5.48
C ARG A 99 16.20 -10.96 6.19
N PRO A 100 16.24 -9.62 6.02
CA PRO A 100 17.25 -8.78 6.67
C PRO A 100 17.13 -8.65 8.19
N ASP A 101 15.98 -8.99 8.77
CA ASP A 101 15.73 -8.94 10.24
C ASP A 101 15.62 -10.34 10.83
N SER A 102 16.17 -11.35 10.14
CA SER A 102 16.34 -12.74 10.65
C SER A 102 17.18 -12.71 11.94
N LYS A 103 16.87 -13.60 12.89
CA LYS A 103 17.63 -13.76 14.16
C LYS A 103 18.97 -14.46 13.89
N VAL A 104 19.11 -15.14 12.74
CA VAL A 104 20.38 -15.81 12.29
C VAL A 104 21.22 -14.76 11.55
N GLU A 105 22.44 -14.51 12.02
CA GLU A 105 23.39 -13.50 11.48
C GLU A 105 23.77 -13.84 10.02
N LYS A 106 24.00 -15.12 9.72
CA LYS A 106 24.40 -15.59 8.36
C LYS A 106 23.32 -15.23 7.34
N ILE A 107 22.04 -15.39 7.71
CA ILE A 107 20.86 -15.06 6.84
C ILE A 107 20.73 -13.54 6.76
N ARG A 108 21.05 -12.84 7.86
CA ARG A 108 21.02 -11.36 7.97
C ARG A 108 21.98 -10.76 6.92
N ARG A 109 23.26 -11.16 6.96
CA ARG A 109 24.36 -10.61 6.11
C ARG A 109 24.10 -10.91 4.62
N ASN A 110 23.59 -12.10 4.29
CA ASN A 110 23.27 -12.53 2.90
C ASN A 110 22.07 -11.74 2.36
N SER A 111 21.00 -11.64 3.16
CA SER A 111 19.74 -10.93 2.81
C SER A 111 20.04 -9.45 2.51
N GLU A 112 20.96 -8.83 3.27
CA GLU A 112 21.46 -7.45 3.01
C GLU A 112 22.05 -7.39 1.59
N ALA A 113 23.05 -8.24 1.31
CA ALA A 113 23.76 -8.33 0.02
C ALA A 113 22.77 -8.58 -1.13
N ALA A 114 21.80 -9.47 -0.93
CA ALA A 114 20.77 -9.87 -1.92
C ALA A 114 19.81 -8.71 -2.18
N MET A 115 19.38 -8.02 -1.12
CA MET A 115 18.43 -6.88 -1.20
C MET A 115 19.05 -5.75 -2.04
N LEU A 116 20.30 -5.37 -1.72
CA LEU A 116 21.08 -4.35 -2.49
C LEU A 116 21.19 -4.81 -3.94
N GLN A 117 21.58 -6.07 -4.15
CA GLN A 117 21.77 -6.68 -5.50
C GLN A 117 20.49 -6.52 -6.31
N GLU A 118 19.35 -6.95 -5.76
CA GLU A 118 18.04 -6.96 -6.46
C GLU A 118 17.57 -5.52 -6.70
N LEU A 119 17.72 -4.63 -5.70
CA LEU A 119 17.34 -3.20 -5.78
C LEU A 119 18.22 -2.49 -6.83
N ASN A 120 19.53 -2.74 -6.81
CA ASN A 120 20.49 -2.15 -7.78
C ASN A 120 20.16 -2.63 -9.20
N PHE A 121 19.70 -3.87 -9.37
CA PHE A 121 19.25 -4.42 -10.67
C PHE A 121 17.94 -3.75 -11.10
N GLY A 122 17.08 -3.39 -10.14
CA GLY A 122 15.87 -2.59 -10.38
C GLY A 122 16.22 -1.25 -11.01
N ALA A 123 17.18 -0.54 -10.41
CA ALA A 123 17.70 0.78 -10.85
C ALA A 123 18.35 0.67 -12.23
N TYR A 124 19.13 -0.39 -12.46
CA TYR A 124 19.82 -0.72 -13.74
C TYR A 124 18.80 -0.78 -14.88
N LEU A 125 17.71 -1.53 -14.68
CA LEU A 125 16.63 -1.72 -15.70
C LEU A 125 15.79 -0.45 -15.83
N GLY A 126 15.78 0.39 -14.78
CA GLY A 126 15.03 1.67 -14.76
C GLY A 126 13.57 1.44 -14.45
N LEU A 127 13.26 0.45 -13.60
CA LEU A 127 11.87 0.04 -13.25
C LEU A 127 11.18 1.22 -12.55
N PRO A 128 9.88 1.47 -12.84
CA PRO A 128 9.15 2.57 -12.22
C PRO A 128 8.78 2.33 -10.75
N ALA A 129 8.76 1.05 -10.33
CA ALA A 129 8.43 0.66 -8.94
C ALA A 129 9.06 -0.70 -8.59
N PHE A 130 9.09 -1.01 -7.31
CA PHE A 130 9.67 -2.26 -6.72
C PHE A 130 8.90 -2.59 -5.43
N LEU A 131 8.50 -3.85 -5.25
CA LEU A 131 7.64 -4.32 -4.12
C LEU A 131 8.54 -4.94 -3.04
N LEU A 132 8.35 -4.53 -1.78
CA LEU A 132 9.00 -5.13 -0.59
C LEU A 132 7.93 -5.43 0.46
N PRO A 133 7.96 -6.60 1.13
CA PRO A 133 6.95 -6.95 2.13
C PRO A 133 7.22 -6.34 3.52
N LEU A 134 6.15 -5.90 4.19
CA LEU A 134 6.06 -5.74 5.66
C LEU A 134 5.14 -6.85 6.18
N ASN A 135 5.71 -7.98 6.59
CA ASN A 135 4.96 -9.20 7.05
C ASN A 135 5.30 -9.55 8.51
N GLN A 136 6.01 -8.69 9.23
CA GLN A 136 6.31 -8.85 10.68
C GLN A 136 6.49 -7.47 11.34
N GLU A 137 6.63 -7.45 12.67
CA GLU A 137 6.74 -6.22 13.50
C GLU A 137 8.08 -5.53 13.22
N ASP A 138 9.19 -6.25 13.39
CA ASP A 138 10.57 -5.69 13.29
C ASP A 138 11.06 -5.73 11.84
N ASN A 139 11.13 -4.57 11.19
CA ASN A 139 11.69 -4.40 9.81
C ASN A 139 12.78 -3.32 9.83
N THR A 140 13.50 -3.21 10.95
CA THR A 140 14.46 -2.12 11.24
C THR A 140 15.63 -2.18 10.25
N ASN A 141 16.18 -3.37 10.02
CA ASN A 141 17.34 -3.60 9.13
C ASN A 141 16.88 -3.51 7.67
N LEU A 142 15.68 -3.99 7.34
CA LEU A 142 15.05 -3.81 5.99
C LEU A 142 14.99 -2.32 5.65
N ALA A 143 14.55 -1.48 6.60
CA ALA A 143 14.49 -0.01 6.48
C ALA A 143 15.91 0.55 6.27
N ARG A 144 16.89 0.06 7.04
CA ARG A 144 18.29 0.58 6.99
C ARG A 144 18.87 0.33 5.59
N VAL A 145 18.68 -0.87 5.04
CA VAL A 145 19.23 -1.28 3.72
C VAL A 145 18.56 -0.44 2.61
N LEU A 146 17.24 -0.28 2.67
CA LEU A 146 16.49 0.52 1.66
C LEU A 146 16.93 1.98 1.74
N THR A 147 16.91 2.56 2.95
CA THR A 147 17.33 3.96 3.22
C THR A 147 18.74 4.17 2.64
N ASN A 148 19.66 3.23 2.88
CA ASN A 148 21.06 3.29 2.37
C ASN A 148 21.04 3.22 0.83
N HIS A 149 20.18 2.39 0.24
CA HIS A 149 19.99 2.26 -1.23
C HIS A 149 19.52 3.59 -1.83
N ILE A 150 18.56 4.26 -1.18
CA ILE A 150 17.97 5.55 -1.64
C ILE A 150 19.09 6.61 -1.72
N HIS A 151 20.10 6.52 -0.86
CA HIS A 151 21.24 7.48 -0.76
C HIS A 151 22.46 7.02 -1.57
N THR A 152 22.29 6.07 -2.51
CA THR A 152 23.41 5.47 -3.31
C THR A 152 23.02 5.51 -4.80
N GLY A 153 23.57 6.46 -5.56
CA GLY A 153 23.25 6.72 -6.98
C GLY A 153 22.22 7.83 -7.12
N HIS A 154 21.73 8.04 -8.35
CA HIS A 154 20.71 9.08 -8.71
C HIS A 154 19.47 8.42 -9.32
N HIS A 155 19.16 7.19 -8.93
CA HIS A 155 18.03 6.36 -9.44
C HIS A 155 16.68 6.92 -8.94
N SER A 156 15.57 6.54 -9.61
CA SER A 156 14.25 7.23 -9.56
C SER A 156 13.08 6.27 -9.26
N SER A 157 13.36 5.01 -8.91
CA SER A 157 12.34 3.93 -8.74
C SER A 157 11.49 4.19 -7.48
N MET A 158 10.17 4.02 -7.57
CA MET A 158 9.25 4.03 -6.40
C MET A 158 9.40 2.71 -5.63
N PHE A 159 9.07 2.72 -4.34
CA PHE A 159 9.14 1.54 -3.43
C PHE A 159 7.77 1.30 -2.82
N TRP A 160 7.08 0.25 -3.29
CA TRP A 160 5.75 -0.17 -2.80
C TRP A 160 5.93 -1.17 -1.66
N MET A 161 5.65 -0.74 -0.43
CA MET A 161 5.69 -1.61 0.78
C MET A 161 4.37 -2.40 0.83
N ARG A 162 4.46 -3.72 0.61
CA ARG A 162 3.32 -4.66 0.55
C ARG A 162 2.91 -5.03 1.98
N VAL A 163 1.78 -4.48 2.44
CA VAL A 163 1.29 -4.58 3.85
C VAL A 163 -0.19 -4.94 3.79
N PRO A 164 -0.66 -5.96 4.56
CA PRO A 164 -2.09 -6.31 4.59
C PRO A 164 -2.89 -5.50 5.62
N LEU A 165 -4.21 -5.38 5.39
CA LEU A 165 -5.19 -4.87 6.39
C LEU A 165 -5.09 -5.72 7.67
N VAL A 166 -5.19 -7.04 7.50
CA VAL A 166 -5.15 -8.04 8.60
C VAL A 166 -3.90 -8.92 8.41
N ALA A 167 -3.05 -8.99 9.44
CA ALA A 167 -1.83 -9.84 9.47
C ALA A 167 -2.25 -11.30 9.32
N PRO A 168 -1.52 -12.14 8.54
CA PRO A 168 -1.92 -13.54 8.35
C PRO A 168 -2.14 -14.35 9.65
N GLU A 169 -1.40 -14.02 10.72
CA GLU A 169 -1.54 -14.64 12.07
C GLU A 169 -2.93 -14.38 12.64
N ASP A 170 -3.55 -13.23 12.32
CA ASP A 170 -4.87 -12.79 12.85
C ASP A 170 -6.01 -13.19 11.92
N LEU A 171 -5.76 -13.94 10.83
CA LEU A 171 -6.81 -14.53 9.97
C LEU A 171 -6.55 -16.02 9.69
N ARG A 172 -5.64 -16.67 10.41
CA ARG A 172 -5.38 -18.13 10.30
C ARG A 172 -6.63 -18.89 10.79
N ASP A 173 -6.96 -20.01 10.14
CA ASP A 173 -8.09 -20.90 10.52
C ASP A 173 -7.88 -21.38 11.97
N ASP A 174 -8.93 -21.38 12.78
CA ASP A 174 -8.90 -21.85 14.20
C ASP A 174 -8.97 -23.39 14.19
N ILE A 175 -7.87 -24.03 13.80
CA ILE A 175 -7.76 -25.52 13.61
C ILE A 175 -6.54 -26.10 14.35
N ILE A 176 -5.87 -25.33 15.21
CA ILE A 176 -4.80 -25.85 16.11
C ILE A 176 -5.44 -26.06 17.49
N GLU A 177 -5.49 -27.31 17.95
CA GLU A 177 -6.09 -27.74 19.24
C GLU A 177 -5.51 -26.90 20.38
N ASN A 178 -4.19 -26.91 20.53
CA ASN A 178 -3.45 -26.39 21.71
C ASN A 178 -2.98 -24.94 21.49
N ALA A 179 -3.43 -24.28 20.42
CA ALA A 179 -3.15 -22.84 20.13
C ALA A 179 -4.38 -22.21 19.49
N PRO A 180 -5.44 -21.89 20.27
CA PRO A 180 -6.66 -21.30 19.72
C PRO A 180 -6.51 -19.81 19.39
N THR A 181 -7.22 -19.34 18.37
CA THR A 181 -7.27 -17.91 17.94
C THR A 181 -8.03 -17.12 19.02
N THR A 182 -7.55 -15.92 19.37
CA THR A 182 -8.11 -15.09 20.47
C THR A 182 -9.49 -14.55 20.05
N HIS A 183 -10.51 -14.77 20.89
CA HIS A 183 -11.91 -14.30 20.70
C HIS A 183 -12.09 -12.91 21.32
N THR A 184 -11.49 -12.67 22.49
CA THR A 184 -11.50 -11.38 23.23
C THR A 184 -10.92 -10.27 22.34
N GLU A 185 -11.62 -9.13 22.25
CA GLU A 185 -11.30 -8.02 21.32
C GLU A 185 -9.98 -7.35 21.73
N GLU A 186 -9.16 -6.98 20.74
CA GLU A 186 -7.91 -6.19 20.90
C GLU A 186 -7.92 -5.04 19.88
N TYR A 187 -8.34 -3.84 20.30
CA TYR A 187 -8.53 -2.63 19.46
C TYR A 187 -7.18 -2.21 18.86
N SER A 188 -6.14 -2.17 19.69
CA SER A 188 -4.73 -1.85 19.30
C SER A 188 -4.15 -2.97 18.41
N GLY A 189 -4.38 -4.23 18.81
CA GLY A 189 -3.90 -5.44 18.10
C GLY A 189 -4.44 -5.54 16.68
N GLU A 190 -5.69 -5.13 16.45
CA GLU A 190 -6.36 -5.15 15.12
C GLU A 190 -5.78 -4.05 14.20
N GLU A 191 -5.01 -3.10 14.75
CA GLU A 191 -4.29 -2.03 14.00
C GLU A 191 -2.79 -2.32 13.88
N LYS A 192 -2.36 -3.58 14.03
CA LYS A 192 -0.91 -3.92 14.17
C LYS A 192 -0.16 -3.64 12.85
N THR A 193 -0.77 -3.94 11.70
CA THR A 193 -0.11 -3.83 10.36
C THR A 193 0.09 -2.36 9.97
N TRP A 194 -0.75 -1.45 10.48
CA TRP A 194 -0.55 0.02 10.30
C TRP A 194 0.71 0.47 11.05
N MET A 195 0.90 -0.03 12.29
CA MET A 195 2.07 0.30 13.13
C MET A 195 3.36 -0.21 12.46
N TRP A 196 3.30 -1.36 11.76
CA TRP A 196 4.43 -1.90 10.96
C TRP A 196 4.85 -0.85 9.93
N TRP A 197 3.88 -0.36 9.16
CA TRP A 197 4.06 0.71 8.13
C TRP A 197 4.61 1.98 8.78
N HIS A 198 3.99 2.45 9.86
CA HIS A 198 4.33 3.72 10.56
C HIS A 198 5.81 3.71 10.99
N ASN A 199 6.23 2.66 11.69
CA ASN A 199 7.63 2.50 12.19
C ASN A 199 8.60 2.49 11.01
N PHE A 200 8.36 1.66 9.99
CA PHE A 200 9.20 1.55 8.76
C PHE A 200 9.28 2.92 8.07
N ARG A 201 8.12 3.50 7.79
CA ARG A 201 7.94 4.85 7.18
C ARG A 201 8.74 5.89 7.97
N THR A 202 8.69 5.84 9.31
CA THR A 202 9.35 6.81 10.23
C THR A 202 10.87 6.63 10.17
N LEU A 203 11.35 5.39 10.25
CA LEU A 203 12.80 5.02 10.18
C LEU A 203 13.41 5.56 8.87
N CYS A 204 12.70 5.43 7.75
CA CYS A 204 13.14 5.89 6.40
C CYS A 204 12.91 7.40 6.22
N ASP A 205 12.35 8.08 7.23
CA ASP A 205 12.35 9.57 7.38
C ASP A 205 11.34 10.18 6.40
N TYR A 206 10.19 9.54 6.22
CA TYR A 206 9.09 9.96 5.32
C TYR A 206 9.64 10.24 3.93
N SER A 207 10.35 9.27 3.33
CA SER A 207 10.84 9.34 1.93
C SER A 207 9.62 9.41 0.99
N LYS A 208 9.60 10.40 0.09
CA LYS A 208 8.57 10.57 -0.98
C LYS A 208 8.48 9.29 -1.83
N ARG A 209 9.58 8.52 -1.92
CA ARG A 209 9.74 7.36 -2.82
C ARG A 209 9.23 6.05 -2.19
N ILE A 210 8.69 6.08 -0.97
CA ILE A 210 8.18 4.90 -0.23
C ILE A 210 6.66 5.06 -0.05
N ALA A 211 5.87 4.22 -0.74
CA ALA A 211 4.39 4.23 -0.72
C ALA A 211 3.87 2.86 -0.28
N VAL A 212 2.57 2.77 -0.01
CA VAL A 212 1.88 1.53 0.49
C VAL A 212 1.24 0.82 -0.71
N ALA A 213 1.44 -0.50 -0.79
CA ALA A 213 0.62 -1.45 -1.59
C ALA A 213 -0.27 -2.24 -0.62
N LEU A 214 -1.50 -1.76 -0.39
CA LEU A 214 -2.40 -2.26 0.68
C LEU A 214 -3.09 -3.53 0.20
N GLU A 215 -2.84 -4.67 0.87
CA GLU A 215 -3.36 -6.01 0.49
C GLU A 215 -4.71 -6.24 1.20
N ILE A 216 -5.79 -6.42 0.42
CA ILE A 216 -7.19 -6.58 0.92
C ILE A 216 -7.45 -8.07 1.16
N GLY A 217 -7.82 -8.45 2.39
CA GLY A 217 -8.11 -9.83 2.79
C GLY A 217 -9.55 -10.23 2.51
N ALA A 218 -9.85 -11.53 2.61
CA ALA A 218 -11.19 -12.12 2.39
C ALA A 218 -12.20 -11.53 3.38
N ASP A 219 -11.89 -11.58 4.68
CA ASP A 219 -12.64 -10.88 5.77
C ASP A 219 -11.95 -9.54 6.05
N LEU A 220 -12.66 -8.43 5.84
CA LEU A 220 -12.16 -7.07 6.17
C LEU A 220 -12.18 -6.90 7.69
N PRO A 221 -11.33 -6.00 8.25
CA PRO A 221 -11.37 -5.69 9.67
C PRO A 221 -12.45 -4.64 9.98
N SER A 222 -12.55 -4.24 11.25
CA SER A 222 -13.39 -3.13 11.76
C SER A 222 -13.05 -1.83 11.00
N ASN A 223 -14.01 -0.92 10.85
CA ASN A 223 -13.87 0.35 10.09
C ASN A 223 -12.65 1.13 10.58
N HIS A 224 -12.40 1.14 11.88
CA HIS A 224 -11.29 1.89 12.54
C HIS A 224 -9.94 1.45 11.97
N VAL A 225 -9.79 0.16 11.66
CA VAL A 225 -8.56 -0.44 11.03
C VAL A 225 -8.45 0.09 9.60
N ILE A 226 -9.57 0.16 8.86
CA ILE A 226 -9.63 0.66 7.45
C ILE A 226 -9.40 2.18 7.45
N ASP A 227 -10.02 2.90 8.38
CA ASP A 227 -9.89 4.37 8.56
C ASP A 227 -8.44 4.75 8.89
N ARG A 228 -7.70 3.84 9.53
CA ARG A 228 -6.26 4.02 9.91
C ARG A 228 -5.41 4.35 8.67
N TRP A 229 -5.76 3.79 7.50
CA TRP A 229 -5.02 3.96 6.21
C TRP A 229 -5.52 5.18 5.42
N LEU A 230 -6.46 5.96 5.96
CA LEU A 230 -6.77 7.32 5.44
C LEU A 230 -5.54 8.21 5.67
N GLY A 231 -5.20 9.05 4.70
CA GLY A 231 -4.09 10.01 4.77
C GLY A 231 -2.74 9.38 4.45
N GLU A 232 -2.67 8.07 4.20
CA GLU A 232 -1.41 7.33 3.95
C GLU A 232 -1.17 7.25 2.44
N PRO A 233 0.11 7.26 1.98
CA PRO A 233 0.42 7.28 0.56
C PRO A 233 0.22 5.89 -0.08
N ILE A 234 -1.04 5.55 -0.36
CA ILE A 234 -1.45 4.29 -1.04
C ILE A 234 -1.32 4.52 -2.55
N LYS A 235 -0.36 3.86 -3.20
CA LYS A 235 -0.18 3.86 -4.68
C LYS A 235 -0.81 2.60 -5.29
N ALA A 236 -0.93 1.51 -4.52
CA ALA A 236 -1.47 0.22 -4.99
C ALA A 236 -2.46 -0.37 -3.97
N ALA A 237 -3.48 -1.08 -4.47
CA ALA A 237 -4.38 -1.98 -3.71
C ALA A 237 -4.29 -3.38 -4.32
N ILE A 238 -3.82 -4.37 -3.55
CA ILE A 238 -3.63 -5.77 -4.03
C ILE A 238 -4.89 -6.58 -3.66
N LEU A 239 -5.58 -7.12 -4.67
CA LEU A 239 -6.80 -7.96 -4.55
C LEU A 239 -6.46 -9.40 -4.88
N PRO A 240 -6.40 -10.33 -3.89
CA PRO A 240 -6.29 -11.76 -4.20
C PRO A 240 -7.57 -12.28 -4.86
N THR A 241 -7.43 -13.21 -5.80
CA THR A 241 -8.54 -13.90 -6.53
C THR A 241 -9.48 -14.60 -5.53
N SER A 242 -8.95 -15.09 -4.41
CA SER A 242 -9.66 -15.86 -3.35
C SER A 242 -10.81 -15.04 -2.74
N ILE A 243 -10.71 -13.70 -2.67
CA ILE A 243 -11.68 -12.83 -1.94
C ILE A 243 -12.95 -12.66 -2.78
N PHE A 244 -12.90 -12.92 -4.09
CA PHE A 244 -14.02 -12.75 -5.05
C PHE A 244 -15.07 -13.84 -4.84
N LEU A 245 -16.33 -13.44 -4.68
CA LEU A 245 -17.53 -14.33 -4.60
C LEU A 245 -18.06 -14.59 -6.02
N THR A 246 -18.57 -15.80 -6.27
CA THR A 246 -19.20 -16.19 -7.57
C THR A 246 -20.67 -15.79 -7.55
N ASN A 247 -21.20 -15.32 -8.69
CA ASN A 247 -22.65 -15.03 -8.91
C ASN A 247 -23.29 -16.24 -9.63
N LYS A 248 -24.60 -16.17 -9.88
CA LYS A 248 -25.40 -17.27 -10.52
C LYS A 248 -24.79 -17.65 -11.88
N LYS A 249 -24.36 -16.66 -12.67
CA LYS A 249 -23.83 -16.85 -14.05
C LYS A 249 -22.39 -17.37 -14.03
N GLY A 250 -21.72 -17.35 -12.86
CA GLY A 250 -20.42 -18.01 -12.63
C GLY A 250 -19.24 -17.04 -12.61
N PHE A 251 -19.48 -15.73 -12.68
CA PHE A 251 -18.44 -14.67 -12.77
C PHE A 251 -18.00 -14.26 -11.36
N PRO A 252 -16.73 -13.81 -11.18
CA PRO A 252 -16.29 -13.25 -9.89
C PRO A 252 -16.87 -11.85 -9.65
N VAL A 253 -17.45 -11.65 -8.45
CA VAL A 253 -17.91 -10.34 -7.92
C VAL A 253 -17.37 -10.18 -6.49
N LEU A 254 -17.69 -9.08 -5.81
CA LEU A 254 -17.27 -8.78 -4.41
C LEU A 254 -18.49 -8.53 -3.53
N SER A 255 -18.33 -8.61 -2.21
CA SER A 255 -19.35 -8.21 -1.20
C SER A 255 -19.61 -6.70 -1.32
N LYS A 256 -20.65 -6.21 -0.66
CA LYS A 256 -21.02 -4.76 -0.66
C LYS A 256 -20.01 -3.99 0.19
N MET A 257 -19.49 -4.60 1.27
CA MET A 257 -18.43 -4.03 2.14
C MET A 257 -17.13 -3.85 1.32
N HIS A 258 -16.76 -4.85 0.52
CA HIS A 258 -15.57 -4.81 -0.39
C HIS A 258 -15.79 -3.75 -1.46
N GLN A 259 -16.95 -3.76 -2.14
CA GLN A 259 -17.33 -2.77 -3.19
C GLN A 259 -17.16 -1.35 -2.64
N ARG A 260 -17.67 -1.09 -1.43
CA ARG A 260 -17.62 0.22 -0.72
C ARG A 260 -16.16 0.68 -0.57
N LEU A 261 -15.26 -0.24 -0.23
CA LEU A 261 -13.80 0.05 -0.06
C LEU A 261 -13.15 0.30 -1.42
N ILE A 262 -13.55 -0.41 -2.48
CA ILE A 262 -13.01 -0.25 -3.86
C ILE A 262 -13.37 1.16 -4.36
N PHE A 263 -14.61 1.61 -4.09
CA PHE A 263 -15.10 2.97 -4.43
C PHE A 263 -14.22 4.04 -3.74
N ARG A 264 -13.84 3.81 -2.48
CA ARG A 264 -12.95 4.71 -1.69
C ARG A 264 -11.56 4.77 -2.35
N LEU A 265 -11.01 3.61 -2.75
CA LEU A 265 -9.64 3.50 -3.33
C LEU A 265 -9.60 4.16 -4.72
N LEU A 266 -10.68 4.06 -5.49
CA LEU A 266 -10.83 4.67 -6.84
C LEU A 266 -10.72 6.20 -6.75
N LYS A 267 -11.24 6.81 -5.67
CA LYS A 267 -11.14 8.26 -5.40
C LYS A 267 -9.66 8.66 -5.22
N LEU A 268 -8.86 7.81 -4.54
CA LEU A 268 -7.41 8.02 -4.33
C LEU A 268 -6.62 7.71 -5.62
N GLU A 269 -7.27 7.19 -6.66
CA GLU A 269 -6.69 6.95 -8.01
C GLU A 269 -5.49 6.00 -7.89
N VAL A 270 -5.63 4.98 -7.04
CA VAL A 270 -4.59 3.92 -6.81
C VAL A 270 -4.64 2.96 -7.99
N GLN A 271 -3.54 2.23 -8.23
CA GLN A 271 -3.49 1.13 -9.23
C GLN A 271 -3.92 -0.17 -8.54
N PHE A 272 -4.77 -0.97 -9.18
CA PHE A 272 -5.29 -2.26 -8.64
C PHE A 272 -4.39 -3.39 -9.13
N ILE A 273 -4.03 -4.31 -8.24
CA ILE A 273 -3.16 -5.48 -8.53
C ILE A 273 -3.96 -6.75 -8.23
N ILE A 274 -4.15 -7.60 -9.23
CA ILE A 274 -4.78 -8.94 -9.08
C ILE A 274 -3.66 -9.95 -8.81
N THR A 275 -3.74 -10.68 -7.69
CA THR A 275 -2.75 -11.71 -7.27
C THR A 275 -3.47 -13.06 -7.08
N GLY A 276 -2.72 -14.16 -7.19
CA GLY A 276 -3.23 -15.54 -7.06
C GLY A 276 -3.70 -16.11 -8.39
N THR A 277 -3.97 -17.42 -8.42
CA THR A 277 -4.43 -18.19 -9.60
C THR A 277 -5.93 -17.96 -9.85
N ASN A 278 -6.43 -18.38 -11.01
CA ASN A 278 -7.86 -18.27 -11.39
C ASN A 278 -8.68 -19.29 -10.61
N HIS A 279 -9.39 -18.84 -9.57
CA HIS A 279 -10.33 -19.67 -8.77
C HIS A 279 -11.69 -19.79 -9.48
N HIS A 280 -11.94 -18.93 -10.48
CA HIS A 280 -13.10 -19.00 -11.41
C HIS A 280 -12.63 -19.64 -12.73
N SER A 281 -12.25 -20.92 -12.66
CA SER A 281 -11.60 -21.72 -13.74
C SER A 281 -12.50 -21.82 -14.98
N GLU A 282 -13.83 -21.90 -14.79
CA GLU A 282 -14.86 -22.03 -15.86
C GLU A 282 -14.82 -20.81 -16.79
N LYS A 283 -14.59 -19.61 -16.23
CA LYS A 283 -14.59 -18.32 -16.97
C LYS A 283 -13.15 -17.86 -17.28
N GLU A 284 -13.02 -16.91 -18.22
CA GLU A 284 -11.74 -16.26 -18.62
C GLU A 284 -11.22 -15.41 -17.46
N PHE A 285 -9.90 -15.13 -17.43
CA PHE A 285 -9.22 -14.38 -16.33
C PHE A 285 -9.59 -12.89 -16.37
N CYS A 286 -9.82 -12.33 -17.57
CA CYS A 286 -10.30 -10.95 -17.80
C CYS A 286 -11.44 -10.58 -16.83
N SER A 287 -12.33 -11.54 -16.56
CA SER A 287 -13.54 -11.42 -15.67
C SER A 287 -13.25 -10.60 -14.41
N TYR A 288 -12.11 -10.85 -13.74
CA TYR A 288 -11.67 -10.14 -12.50
C TYR A 288 -11.52 -8.64 -12.81
N LEU A 289 -10.70 -8.32 -13.82
CA LEU A 289 -10.41 -6.94 -14.29
C LEU A 289 -11.71 -6.30 -14.79
N GLN A 290 -12.52 -7.03 -15.55
CA GLN A 290 -13.84 -6.57 -16.11
C GLN A 290 -14.76 -6.10 -14.96
N TYR A 291 -14.70 -6.76 -13.80
CA TYR A 291 -15.56 -6.42 -12.63
C TYR A 291 -15.13 -5.07 -12.03
N LEU A 292 -13.83 -4.79 -11.98
CA LEU A 292 -13.28 -3.48 -11.49
C LEU A 292 -13.71 -2.36 -12.44
N GLU A 293 -13.56 -2.60 -13.75
CA GLU A 293 -14.00 -1.67 -14.83
C GLU A 293 -15.49 -1.38 -14.67
N TYR A 294 -16.30 -2.43 -14.49
CA TYR A 294 -17.76 -2.38 -14.25
C TYR A 294 -18.06 -1.44 -13.07
N LEU A 295 -17.39 -1.64 -11.93
CA LEU A 295 -17.56 -0.83 -10.69
C LEU A 295 -17.12 0.62 -10.93
N SER A 296 -16.06 0.83 -11.72
CA SER A 296 -15.50 2.16 -12.08
C SER A 296 -16.52 2.98 -12.90
N GLN A 297 -17.33 2.32 -13.74
CA GLN A 297 -18.44 2.96 -14.49
C GLN A 297 -19.58 3.32 -13.52
N ASN A 298 -19.93 2.38 -12.62
CA ASN A 298 -21.17 2.42 -11.79
C ASN A 298 -21.00 3.28 -10.53
N ARG A 299 -19.86 3.96 -10.35
CA ARG A 299 -19.70 5.02 -9.31
C ARG A 299 -20.50 6.25 -9.73
N PRO A 300 -20.89 7.15 -8.79
CA PRO A 300 -21.57 8.39 -9.17
C PRO A 300 -20.62 9.32 -9.90
N PRO A 301 -21.05 10.02 -10.97
CA PRO A 301 -20.16 10.91 -11.73
C PRO A 301 -19.78 12.15 -10.91
N PRO A 302 -18.71 12.88 -11.30
CA PRO A 302 -18.25 14.04 -10.51
C PRO A 302 -19.22 15.22 -10.64
N ASN A 303 -19.58 15.84 -9.50
CA ASN A 303 -20.41 17.07 -9.44
C ASN A 303 -19.59 18.25 -9.97
N ALA A 304 -20.23 19.42 -10.12
CA ALA A 304 -19.62 20.66 -10.66
C ALA A 304 -18.33 21.00 -9.90
N TYR A 305 -18.37 20.94 -8.56
CA TYR A 305 -17.23 21.19 -7.64
C TYR A 305 -16.09 20.21 -7.98
N GLU A 306 -16.38 18.91 -7.90
CA GLU A 306 -15.40 17.79 -8.10
C GLU A 306 -14.80 17.84 -9.51
N LEU A 307 -15.52 18.37 -10.50
CA LEU A 307 -15.01 18.58 -11.88
C LEU A 307 -13.99 19.73 -11.88
N PHE A 308 -14.34 20.87 -11.30
CA PHE A 308 -13.47 22.08 -11.17
C PHE A 308 -12.20 21.71 -10.39
N ALA A 309 -12.36 21.05 -9.25
CA ALA A 309 -11.28 20.67 -8.30
C ALA A 309 -10.36 19.58 -8.89
N LYS A 310 -10.85 18.80 -9.87
CA LYS A 310 -10.10 17.72 -10.57
C LYS A 310 -8.77 18.30 -11.09
N GLY A 311 -7.64 17.81 -10.57
CA GLY A 311 -6.28 18.30 -10.88
C GLY A 311 -5.57 18.88 -9.67
N TYR A 312 -6.32 19.51 -8.74
CA TYR A 312 -5.79 20.31 -7.60
C TYR A 312 -5.76 19.50 -6.29
N GLU A 313 -5.95 18.18 -6.34
CA GLU A 313 -6.04 17.29 -5.13
C GLU A 313 -4.69 17.28 -4.41
N ASP A 314 -4.66 17.76 -3.16
CA ASP A 314 -3.47 17.85 -2.27
C ASP A 314 -2.35 18.68 -2.94
N TYR A 315 -2.74 19.71 -3.71
CA TYR A 315 -1.81 20.69 -4.32
C TYR A 315 -1.74 21.91 -3.41
N LEU A 316 -0.56 22.18 -2.82
CA LEU A 316 -0.33 23.31 -1.89
C LEU A 316 -0.19 24.60 -2.69
N GLN A 317 -0.91 25.65 -2.30
CA GLN A 317 -0.83 27.01 -2.89
C GLN A 317 -0.67 28.04 -1.77
N SER A 318 0.07 29.12 -2.05
CA SER A 318 0.10 30.35 -1.21
C SER A 318 -1.31 30.92 -1.13
N PRO A 319 -1.86 31.23 0.07
CA PRO A 319 -3.12 31.96 0.15
C PRO A 319 -2.99 33.33 -0.53
N LEU A 320 -3.98 33.70 -1.35
CA LEU A 320 -4.01 35.00 -2.08
C LEU A 320 -3.95 36.17 -1.08
N GLN A 321 -3.28 37.25 -1.46
CA GLN A 321 -3.24 38.53 -0.72
C GLN A 321 -3.60 39.66 -1.69
N PRO A 322 -4.90 39.82 -2.05
CA PRO A 322 -5.31 40.86 -3.00
C PRO A 322 -5.09 42.30 -2.50
N LEU A 323 -4.89 42.49 -1.19
CA LEU A 323 -4.54 43.82 -0.62
C LEU A 323 -3.08 44.16 -0.96
N MET A 324 -2.15 43.26 -0.64
CA MET A 324 -0.69 43.47 -0.84
C MET A 324 -0.35 43.36 -2.34
N ASP A 325 -0.86 42.33 -3.01
CA ASP A 325 -0.59 42.03 -4.45
C ASP A 325 -1.80 42.45 -5.31
N ASN A 326 -1.55 42.88 -6.56
CA ASN A 326 -2.60 43.10 -7.58
C ASN A 326 -2.87 41.79 -8.32
N LEU A 327 -4.11 41.28 -8.24
CA LEU A 327 -4.54 40.02 -8.90
C LEU A 327 -4.52 40.19 -10.42
N GLU A 328 -4.23 39.11 -11.15
CA GLU A 328 -4.13 39.07 -12.63
C GLU A 328 -5.54 38.97 -13.24
N SER A 329 -5.68 39.31 -14.53
CA SER A 329 -6.93 39.25 -15.31
C SER A 329 -7.58 37.87 -15.19
N GLN A 330 -6.79 36.81 -15.41
CA GLN A 330 -7.27 35.39 -15.45
C GLN A 330 -7.65 34.91 -14.04
N THR A 331 -7.13 35.54 -12.97
CA THR A 331 -7.47 35.20 -11.56
C THR A 331 -8.90 35.66 -11.27
N TYR A 332 -9.22 36.92 -11.61
CA TYR A 332 -10.59 37.50 -11.51
C TYR A 332 -11.57 36.66 -12.35
N GLU A 333 -11.15 36.27 -13.56
CA GLU A 333 -11.95 35.47 -14.53
C GLU A 333 -12.40 34.16 -13.88
N VAL A 334 -11.44 33.40 -13.32
CA VAL A 334 -11.67 32.12 -12.58
C VAL A 334 -12.76 32.34 -11.53
N PHE A 335 -12.64 33.39 -10.71
CA PHE A 335 -13.51 33.63 -9.52
C PHE A 335 -14.89 34.16 -9.94
N GLU A 336 -15.00 34.82 -11.10
CA GLU A 336 -16.29 35.30 -11.66
C GLU A 336 -17.16 34.10 -12.07
N LYS A 337 -16.53 33.00 -12.53
CA LYS A 337 -17.21 31.78 -13.06
C LYS A 337 -17.95 31.01 -11.94
N ASP A 338 -17.78 31.37 -10.66
CA ASP A 338 -18.54 30.77 -9.54
C ASP A 338 -19.97 31.31 -9.55
N PRO A 339 -20.98 30.52 -9.97
CA PRO A 339 -22.34 31.05 -10.14
C PRO A 339 -23.09 31.26 -8.81
N ILE A 340 -22.83 30.41 -7.82
CA ILE A 340 -23.56 30.34 -6.52
C ILE A 340 -23.23 31.59 -5.69
N LYS A 341 -21.94 31.93 -5.57
CA LYS A 341 -21.43 33.07 -4.75
C LYS A 341 -22.23 34.34 -5.06
N TYR A 342 -22.42 34.67 -6.34
CA TYR A 342 -22.98 35.97 -6.80
C TYR A 342 -24.51 35.93 -6.77
N SER A 343 -25.12 34.77 -7.06
CA SER A 343 -26.58 34.55 -6.91
C SER A 343 -26.99 34.79 -5.45
N GLN A 344 -26.15 34.34 -4.50
CA GLN A 344 -26.36 34.53 -3.04
C GLN A 344 -26.16 36.00 -2.66
N TYR A 345 -25.12 36.67 -3.17
CA TYR A 345 -24.85 38.12 -2.97
C TYR A 345 -26.02 38.94 -3.53
N GLN A 346 -26.50 38.60 -4.73
CA GLN A 346 -27.66 39.23 -5.42
C GLN A 346 -28.90 39.12 -4.52
N GLN A 347 -29.20 37.91 -4.05
CA GLN A 347 -30.35 37.58 -3.15
C GLN A 347 -30.25 38.40 -1.86
N ALA A 348 -29.04 38.56 -1.30
CA ALA A 348 -28.78 39.23 -0.01
C ALA A 348 -29.07 40.73 -0.12
N ILE A 349 -28.65 41.36 -1.22
CA ILE A 349 -28.86 42.82 -1.51
C ILE A 349 -30.35 43.03 -1.79
N TYR A 350 -30.93 42.16 -2.64
CA TYR A 350 -32.38 42.09 -2.97
C TYR A 350 -33.22 42.14 -1.67
N LYS A 351 -32.94 41.26 -0.72
CA LYS A 351 -33.66 41.17 0.59
C LYS A 351 -33.42 42.43 1.43
N CYS A 352 -32.21 43.00 1.38
CA CYS A 352 -31.81 44.21 2.15
C CYS A 352 -32.53 45.46 1.62
N LEU A 353 -32.63 45.61 0.30
CA LEU A 353 -33.31 46.75 -0.37
C LEU A 353 -34.77 46.81 0.07
N LEU A 354 -35.50 45.70 -0.04
CA LEU A 354 -36.95 45.61 0.30
C LEU A 354 -37.18 45.90 1.79
N ASP A 355 -36.25 45.50 2.67
CA ASP A 355 -36.32 45.75 4.13
C ASP A 355 -36.08 47.24 4.43
N ARG A 356 -35.30 47.95 3.61
CA ARG A 356 -34.81 49.33 3.87
C ARG A 356 -35.77 50.37 3.27
N VAL A 357 -36.23 50.16 2.02
CA VAL A 357 -37.13 51.09 1.29
C VAL A 357 -38.47 50.37 1.04
N PRO A 358 -39.58 50.78 1.72
CA PRO A 358 -40.88 50.15 1.51
C PRO A 358 -41.57 50.59 0.21
N GLU A 359 -42.68 49.93 -0.14
CA GLU A 359 -43.40 50.03 -1.44
C GLU A 359 -43.78 51.48 -1.75
N GLU A 360 -44.27 52.23 -0.74
CA GLU A 360 -44.77 53.63 -0.89
C GLU A 360 -43.60 54.60 -1.12
N GLU A 361 -42.41 54.32 -0.55
CA GLU A 361 -41.20 55.19 -0.65
C GLU A 361 -40.35 54.82 -1.86
N LYS A 362 -40.80 53.87 -2.70
CA LYS A 362 -40.06 53.29 -3.85
C LYS A 362 -39.35 54.37 -4.67
N ASP A 363 -40.09 55.20 -5.38
CA ASP A 363 -39.56 56.17 -6.40
C ASP A 363 -38.97 57.41 -5.72
N THR A 364 -39.30 57.68 -4.45
CA THR A 364 -38.78 58.83 -3.66
C THR A 364 -37.35 58.54 -3.17
N ASN A 365 -37.12 57.34 -2.62
CA ASN A 365 -35.87 56.96 -1.88
C ASN A 365 -34.91 56.21 -2.81
N VAL A 366 -33.72 56.79 -3.05
CA VAL A 366 -32.60 56.18 -3.84
C VAL A 366 -31.53 55.72 -2.85
N GLN A 367 -31.25 54.41 -2.80
CA GLN A 367 -30.29 53.79 -1.85
C GLN A 367 -28.86 53.90 -2.39
N VAL A 368 -27.93 54.37 -1.55
CA VAL A 368 -26.48 54.53 -1.89
C VAL A 368 -25.78 53.20 -1.59
N LEU A 369 -25.55 52.38 -2.64
CA LEU A 369 -24.77 51.12 -2.58
C LEU A 369 -23.31 51.42 -2.90
N MET A 370 -22.38 50.73 -2.21
CA MET A 370 -20.91 50.88 -2.40
C MET A 370 -20.25 49.49 -2.46
N VAL A 371 -19.77 49.08 -3.64
CA VAL A 371 -18.97 47.85 -3.83
C VAL A 371 -17.52 48.18 -3.44
N LEU A 372 -17.05 47.66 -2.30
CA LEU A 372 -15.70 47.92 -1.73
C LEU A 372 -14.77 46.75 -2.06
N GLY A 373 -13.85 46.96 -3.02
CA GLY A 373 -13.06 45.90 -3.65
C GLY A 373 -13.84 45.25 -4.77
N ALA A 374 -14.08 46.01 -5.84
CA ALA A 374 -15.06 45.70 -6.91
C ALA A 374 -14.46 44.77 -7.96
N GLY A 375 -13.14 44.62 -8.02
CA GLY A 375 -12.43 43.84 -9.07
C GLY A 375 -12.83 44.32 -10.45
N ARG A 376 -13.35 43.41 -11.29
CA ARG A 376 -13.89 43.72 -12.64
C ARG A 376 -15.43 43.84 -12.58
N GLY A 377 -16.00 43.99 -11.38
CA GLY A 377 -17.41 44.38 -11.13
C GLY A 377 -18.43 43.26 -11.25
N PRO A 378 -18.19 42.02 -10.77
CA PRO A 378 -19.26 41.00 -10.72
C PRO A 378 -20.31 41.31 -9.64
N LEU A 379 -19.89 41.95 -8.53
CA LEU A 379 -20.80 42.43 -7.46
C LEU A 379 -21.53 43.70 -7.91
N VAL A 380 -20.91 44.52 -8.78
CA VAL A 380 -21.56 45.70 -9.41
C VAL A 380 -22.78 45.20 -10.21
N ASN A 381 -22.58 44.22 -11.09
CA ASN A 381 -23.66 43.61 -11.92
C ASN A 381 -24.72 42.98 -11.00
N ALA A 382 -24.30 42.20 -10.00
CA ALA A 382 -25.17 41.56 -8.99
C ALA A 382 -26.00 42.63 -8.26
N SER A 383 -25.37 43.75 -7.88
CA SER A 383 -26.01 44.93 -7.24
C SER A 383 -27.08 45.54 -8.16
N LEU A 384 -26.81 45.57 -9.48
CA LEU A 384 -27.74 46.12 -10.50
C LEU A 384 -28.89 45.12 -10.75
N ARG A 385 -28.57 43.82 -10.86
CA ARG A 385 -29.56 42.73 -11.08
C ARG A 385 -30.52 42.65 -9.87
N ALA A 386 -29.99 42.86 -8.66
CA ALA A 386 -30.75 42.88 -7.39
C ALA A 386 -31.75 44.04 -7.38
N ALA A 387 -31.33 45.23 -7.84
CA ALA A 387 -32.11 46.49 -7.83
C ALA A 387 -33.32 46.38 -8.76
N LYS A 388 -33.18 45.72 -9.91
CA LYS A 388 -34.26 45.56 -10.93
C LYS A 388 -35.35 44.63 -10.38
N GLN A 389 -34.98 43.47 -9.83
CA GLN A 389 -35.95 42.45 -9.33
C GLN A 389 -36.57 42.94 -8.01
N ALA A 390 -35.82 43.68 -7.18
CA ALA A 390 -36.33 44.38 -5.98
C ALA A 390 -37.25 45.54 -6.40
N ASP A 391 -36.96 46.15 -7.54
CA ASP A 391 -37.70 47.32 -8.12
C ASP A 391 -37.52 48.50 -7.16
N ARG A 392 -36.26 48.81 -6.82
CA ARG A 392 -35.85 49.97 -5.97
C ARG A 392 -34.65 50.66 -6.63
N ARG A 393 -34.65 52.00 -6.66
CA ARG A 393 -33.62 52.81 -7.37
C ARG A 393 -32.35 52.89 -6.50
N ILE A 394 -31.17 52.72 -7.11
CA ILE A 394 -29.86 52.68 -6.41
C ILE A 394 -28.84 53.60 -7.11
N LYS A 395 -27.94 54.19 -6.32
CA LYS A 395 -26.71 54.87 -6.80
C LYS A 395 -25.50 54.03 -6.35
N LEU A 396 -24.64 53.64 -7.31
CA LEU A 396 -23.52 52.68 -7.09
C LEU A 396 -22.17 53.41 -7.11
N TYR A 397 -21.32 53.11 -6.13
CA TYR A 397 -19.86 53.40 -6.14
C TYR A 397 -19.10 52.07 -6.23
N ALA A 398 -18.18 51.96 -7.20
CA ALA A 398 -17.31 50.79 -7.42
C ALA A 398 -15.87 51.16 -7.03
N VAL A 399 -15.50 50.93 -5.77
CA VAL A 399 -14.16 51.26 -5.20
C VAL A 399 -13.23 50.06 -5.40
N GLU A 400 -12.13 50.26 -6.13
CA GLU A 400 -11.10 49.23 -6.43
C GLU A 400 -9.71 49.86 -6.30
N LYS A 401 -8.81 49.15 -5.61
CA LYS A 401 -7.40 49.55 -5.33
C LYS A 401 -6.54 49.23 -6.56
N ASN A 402 -6.73 48.03 -7.13
CA ASN A 402 -5.95 47.50 -8.29
C ASN A 402 -6.25 48.33 -9.53
N PRO A 403 -5.31 49.17 -10.03
CA PRO A 403 -5.59 50.05 -11.17
C PRO A 403 -5.69 49.32 -12.52
N ASN A 404 -5.30 48.05 -12.59
CA ASN A 404 -5.40 47.19 -13.80
C ASN A 404 -6.84 46.66 -13.95
N ALA A 405 -7.49 46.33 -12.83
CA ALA A 405 -8.93 45.98 -12.75
C ALA A 405 -9.77 47.23 -13.02
N VAL A 406 -9.36 48.37 -12.46
CA VAL A 406 -9.99 49.71 -12.65
C VAL A 406 -10.11 50.03 -14.15
N VAL A 407 -9.14 49.58 -14.97
CA VAL A 407 -9.20 49.69 -16.47
C VAL A 407 -10.46 48.97 -16.97
N THR A 408 -10.68 47.73 -16.51
CA THR A 408 -11.86 46.89 -16.88
C THR A 408 -13.15 47.56 -16.40
N LEU A 409 -13.15 48.15 -15.19
CA LEU A 409 -14.34 48.82 -14.57
C LEU A 409 -14.78 50.03 -15.43
N GLU A 410 -13.83 50.89 -15.81
CA GLU A 410 -14.11 52.18 -16.49
C GLU A 410 -14.57 51.93 -17.94
N ASN A 411 -14.05 50.89 -18.60
CA ASN A 411 -14.51 50.45 -19.94
C ASN A 411 -15.95 49.90 -19.84
N TRP A 412 -16.29 49.21 -18.75
CA TRP A 412 -17.68 48.78 -18.44
C TRP A 412 -18.55 50.01 -18.13
N GLN A 413 -18.03 50.97 -17.36
CA GLN A 413 -18.76 52.19 -16.91
C GLN A 413 -19.14 53.05 -18.12
N PHE A 414 -18.27 53.14 -19.13
CA PHE A 414 -18.48 53.93 -20.38
C PHE A 414 -19.49 53.20 -21.28
N GLU A 415 -19.25 51.91 -21.55
CA GLU A 415 -19.98 51.12 -22.57
C GLU A 415 -21.37 50.71 -22.07
N GLU A 416 -21.55 50.45 -20.77
CA GLU A 416 -22.78 49.79 -20.21
C GLU A 416 -23.40 50.61 -19.07
N TRP A 417 -22.73 50.72 -17.92
CA TRP A 417 -23.34 51.17 -16.64
C TRP A 417 -23.75 52.64 -16.71
N GLY A 418 -22.87 53.51 -17.20
CA GLY A 418 -23.09 54.97 -17.27
C GLY A 418 -22.96 55.63 -15.91
N SER A 419 -23.63 56.76 -15.71
CA SER A 419 -23.52 57.66 -14.52
C SER A 419 -24.08 56.99 -13.25
N GLN A 420 -24.87 55.92 -13.38
CA GLN A 420 -25.41 55.13 -12.24
C GLN A 420 -24.26 54.59 -11.38
N VAL A 421 -23.21 54.05 -12.03
CA VAL A 421 -21.99 53.48 -11.38
C VAL A 421 -20.87 54.53 -11.43
N THR A 422 -20.32 54.90 -10.26
CA THR A 422 -19.14 55.78 -10.10
C THR A 422 -17.93 54.89 -9.78
N VAL A 423 -17.06 54.65 -10.76
CA VAL A 423 -15.78 53.91 -10.56
C VAL A 423 -14.83 54.82 -9.79
N VAL A 424 -14.39 54.39 -8.60
CA VAL A 424 -13.34 55.05 -7.77
C VAL A 424 -12.08 54.18 -7.82
N SER A 425 -10.92 54.79 -8.12
CA SER A 425 -9.58 54.17 -8.13
C SER A 425 -8.84 54.54 -6.84
N SER A 426 -9.15 53.83 -5.75
CA SER A 426 -8.67 54.15 -4.39
C SER A 426 -8.69 52.91 -3.48
N ASP A 427 -7.78 52.87 -2.51
CA ASP A 427 -7.90 51.99 -1.31
C ASP A 427 -9.11 52.48 -0.50
N MET A 428 -9.94 51.57 0.00
CA MET A 428 -11.19 51.90 0.73
C MET A 428 -10.88 52.51 2.11
N ARG A 429 -9.67 52.30 2.65
CA ARG A 429 -9.23 52.87 3.95
C ARG A 429 -8.77 54.33 3.78
N GLU A 430 -8.45 54.74 2.54
CA GLU A 430 -7.95 56.09 2.18
C GLU A 430 -9.08 56.98 1.63
N TRP A 431 -10.04 56.38 0.91
CA TRP A 431 -11.05 57.10 0.08
C TRP A 431 -11.92 58.03 0.93
N VAL A 432 -11.93 59.33 0.59
CA VAL A 432 -12.82 60.37 1.16
C VAL A 432 -14.14 60.31 0.38
N ALA A 433 -15.17 59.70 0.96
CA ALA A 433 -16.49 59.46 0.32
C ALA A 433 -17.23 60.80 0.19
N PRO A 434 -17.83 61.11 -0.99
CA PRO A 434 -18.63 62.33 -1.14
C PRO A 434 -19.91 62.29 -0.31
N GLU A 435 -20.56 61.12 -0.23
CA GLU A 435 -21.76 60.84 0.60
C GLU A 435 -21.58 59.49 1.31
N LYS A 436 -22.32 59.28 2.41
CA LYS A 436 -22.31 58.02 3.21
C LYS A 436 -23.20 56.98 2.53
N ALA A 437 -22.94 55.70 2.79
CA ALA A 437 -23.58 54.52 2.14
C ALA A 437 -24.75 54.01 2.98
N ASP A 438 -25.76 53.45 2.32
CA ASP A 438 -26.86 52.66 2.93
C ASP A 438 -26.41 51.21 3.08
N ILE A 439 -25.85 50.64 2.00
CA ILE A 439 -25.25 49.27 1.98
C ILE A 439 -23.81 49.40 1.46
N ILE A 440 -22.86 48.83 2.20
CA ILE A 440 -21.48 48.52 1.70
C ILE A 440 -21.45 47.03 1.38
N VAL A 441 -20.94 46.68 0.20
CA VAL A 441 -20.89 45.27 -0.34
C VAL A 441 -19.43 44.94 -0.64
N SER A 442 -18.94 43.79 -0.17
CA SER A 442 -17.52 43.37 -0.30
C SER A 442 -17.40 41.84 -0.43
N GLU A 443 -16.37 41.37 -1.12
CA GLU A 443 -15.97 39.94 -1.21
C GLU A 443 -14.47 39.86 -0.87
N LEU A 444 -14.10 40.34 0.32
CA LEU A 444 -12.71 40.41 0.82
C LEU A 444 -12.32 39.15 1.60
N LEU A 445 -13.13 38.09 1.56
CA LEU A 445 -12.94 36.89 2.41
C LEU A 445 -11.92 35.95 1.75
N GLY A 446 -11.11 35.28 2.59
CA GLY A 446 -10.21 34.18 2.21
C GLY A 446 -10.79 32.83 2.64
N SER A 447 -9.98 31.77 2.54
CA SER A 447 -10.36 30.38 2.92
C SER A 447 -10.53 30.26 4.44
N PHE A 448 -9.83 31.09 5.22
CA PHE A 448 -9.95 31.19 6.70
C PHE A 448 -10.72 32.47 7.06
N ALA A 449 -11.47 32.99 6.09
CA ALA A 449 -12.36 34.19 6.17
C ALA A 449 -11.55 35.49 6.33
N ASP A 450 -10.88 35.67 7.47
CA ASP A 450 -10.22 36.97 7.82
C ASP A 450 -8.76 37.01 7.33
N ASN A 451 -8.29 36.00 6.58
CA ASN A 451 -6.85 35.84 6.22
C ASN A 451 -6.46 36.76 5.05
N GLU A 452 -7.41 37.43 4.40
CA GLU A 452 -7.13 38.47 3.37
C GLU A 452 -7.38 39.87 3.96
N LEU A 453 -7.68 39.97 5.25
CA LEU A 453 -7.81 41.22 6.05
C LEU A 453 -9.08 41.99 5.65
N SER A 454 -10.21 41.29 5.54
CA SER A 454 -11.57 41.88 5.45
C SER A 454 -11.89 42.71 6.69
N PRO A 455 -11.56 42.26 7.93
CA PRO A 455 -11.78 43.07 9.13
C PRO A 455 -11.12 44.47 9.08
N GLU A 456 -9.84 44.53 8.74
CA GLU A 456 -9.02 45.77 8.72
C GLU A 456 -9.56 46.72 7.65
N CYS A 457 -9.83 46.20 6.45
CA CYS A 457 -10.29 46.95 5.26
C CYS A 457 -11.66 47.59 5.53
N LEU A 458 -12.61 46.81 6.07
CA LEU A 458 -14.00 47.28 6.36
C LEU A 458 -14.01 48.23 7.56
N ASP A 459 -13.15 48.02 8.56
CA ASP A 459 -12.96 48.94 9.71
C ASP A 459 -12.59 50.34 9.20
N GLY A 460 -11.65 50.43 8.27
CA GLY A 460 -11.18 51.70 7.67
C GLY A 460 -12.22 52.35 6.76
N ALA A 461 -13.12 51.55 6.18
CA ALA A 461 -14.22 52.00 5.28
C ALA A 461 -15.49 52.38 6.08
N GLN A 462 -15.56 51.96 7.35
CA GLN A 462 -16.79 52.00 8.20
C GLN A 462 -17.36 53.42 8.31
N HIS A 463 -16.50 54.44 8.43
CA HIS A 463 -16.87 55.85 8.73
C HIS A 463 -17.83 56.43 7.68
N PHE A 464 -17.76 55.99 6.42
CA PHE A 464 -18.65 56.44 5.31
C PHE A 464 -19.81 55.46 5.09
N LEU A 465 -20.16 54.65 6.10
CA LEU A 465 -21.48 53.99 6.23
C LEU A 465 -22.36 54.87 7.12
N LYS A 466 -23.67 54.94 6.81
CA LYS A 466 -24.68 55.65 7.64
C LYS A 466 -24.75 55.00 9.02
N ASP A 467 -25.30 55.73 10.01
CA ASP A 467 -25.49 55.23 11.40
C ASP A 467 -26.38 53.97 11.39
N ASP A 468 -27.36 53.90 10.48
CA ASP A 468 -28.30 52.76 10.31
C ASP A 468 -27.89 51.86 9.14
N GLY A 469 -26.67 52.02 8.60
CA GLY A 469 -26.23 51.34 7.36
C GLY A 469 -25.94 49.87 7.59
N VAL A 470 -26.04 49.06 6.53
CA VAL A 470 -25.80 47.58 6.52
C VAL A 470 -24.44 47.32 5.84
N SER A 471 -23.74 46.27 6.29
CA SER A 471 -22.55 45.68 5.63
C SER A 471 -22.92 44.29 5.08
N ILE A 472 -22.59 44.02 3.81
CA ILE A 472 -22.71 42.67 3.18
C ILE A 472 -21.30 42.24 2.76
N PRO A 473 -20.65 41.26 3.44
CA PRO A 473 -21.27 40.46 4.49
C PRO A 473 -21.39 41.17 5.85
N GLY A 474 -22.39 40.76 6.64
CA GLY A 474 -22.65 41.28 7.99
C GLY A 474 -21.83 40.57 9.04
N GLU A 475 -21.57 39.27 8.84
CA GLU A 475 -20.82 38.41 9.80
C GLU A 475 -20.08 37.30 9.06
N TYR A 476 -18.92 36.89 9.57
CA TYR A 476 -18.21 35.65 9.16
C TYR A 476 -17.45 35.05 10.34
N THR A 477 -17.32 33.72 10.29
CA THR A 477 -16.71 32.88 11.36
C THR A 477 -15.80 31.84 10.69
N SER A 478 -14.57 31.68 11.19
CA SER A 478 -13.62 30.63 10.76
C SER A 478 -13.81 29.37 11.61
N PHE A 479 -13.45 28.21 11.05
CA PHE A 479 -13.51 26.87 11.71
C PHE A 479 -12.17 26.16 11.54
N LEU A 480 -11.74 25.40 12.57
CA LEU A 480 -10.52 24.55 12.57
C LEU A 480 -10.92 23.10 12.85
N ALA A 481 -10.24 22.14 12.21
CA ALA A 481 -10.35 20.68 12.48
C ALA A 481 -8.96 20.05 12.37
N PRO A 482 -8.54 19.18 13.32
CA PRO A 482 -7.26 18.47 13.21
C PRO A 482 -7.33 17.42 12.10
N ILE A 483 -6.21 17.19 11.40
CA ILE A 483 -6.13 16.17 10.31
C ILE A 483 -4.88 15.31 10.47
N SER A 484 -4.99 14.05 10.03
CA SER A 484 -3.85 13.15 9.73
C SER A 484 -3.68 13.09 8.20
N SER A 485 -2.52 13.50 7.70
CA SER A 485 -2.08 13.28 6.31
C SER A 485 -0.55 13.27 6.25
N SER A 486 0.04 12.08 6.27
CA SER A 486 1.47 11.84 6.00
C SER A 486 1.82 12.29 4.58
N LYS A 487 0.86 12.23 3.66
CA LYS A 487 0.96 12.73 2.26
C LYS A 487 1.25 14.23 2.26
N LEU A 488 0.37 15.02 2.89
CA LEU A 488 0.44 16.50 2.91
C LEU A 488 1.63 16.97 3.77
N TYR A 489 1.90 16.31 4.89
CA TYR A 489 3.08 16.58 5.76
C TYR A 489 4.36 16.53 4.90
N ASN A 490 4.51 15.46 4.13
CA ASN A 490 5.66 15.22 3.21
C ASN A 490 5.65 16.28 2.10
N GLU A 491 4.47 16.65 1.61
CA GLU A 491 4.25 17.65 0.53
C GLU A 491 4.68 19.04 1.03
N VAL A 492 4.27 19.41 2.25
CA VAL A 492 4.67 20.66 2.96
C VAL A 492 6.20 20.64 3.15
N ARG A 493 6.71 19.57 3.78
CA ARG A 493 8.15 19.34 4.11
C ARG A 493 9.04 19.62 2.90
N ALA A 494 8.58 19.32 1.68
CA ALA A 494 9.32 19.50 0.41
C ALA A 494 9.23 20.94 -0.12
N CYS A 495 8.59 21.88 0.59
CA CYS A 495 8.51 23.31 0.19
C CYS A 495 9.63 24.14 0.83
N ARG A 496 10.73 23.50 1.25
CA ARG A 496 11.92 24.20 1.81
C ARG A 496 12.64 24.93 0.67
N GLU A 497 12.72 26.26 0.76
CA GLU A 497 13.48 27.12 -0.18
C GLU A 497 14.88 27.39 0.41
N LYS A 498 15.86 27.62 -0.47
CA LYS A 498 17.20 28.15 -0.12
C LYS A 498 17.05 29.58 0.43
N ASP A 499 18.00 30.02 1.27
CA ASP A 499 18.13 31.42 1.77
C ASP A 499 16.94 31.80 2.65
N ARG A 500 16.35 30.84 3.37
CA ARG A 500 15.34 31.11 4.44
C ARG A 500 15.41 29.99 5.49
N ASP A 501 14.83 30.26 6.67
CA ASP A 501 14.70 29.31 7.80
C ASP A 501 14.27 27.95 7.25
N PRO A 502 15.04 26.86 7.50
CA PRO A 502 14.74 25.56 6.88
C PRO A 502 13.48 24.82 7.40
N GLU A 503 12.72 25.42 8.33
CA GLU A 503 11.41 24.91 8.80
C GLU A 503 10.30 25.96 8.57
N ALA A 504 10.58 27.02 7.81
CA ALA A 504 9.64 28.14 7.53
C ALA A 504 8.37 27.63 6.84
N GLN A 505 8.51 26.61 5.97
CA GLN A 505 7.40 25.95 5.23
C GLN A 505 6.33 25.42 6.21
N PHE A 506 6.71 24.98 7.42
CA PHE A 506 5.79 24.45 8.45
C PHE A 506 5.10 25.57 9.23
N GLU A 507 5.60 26.81 9.14
CA GLU A 507 5.13 27.98 9.93
C GLU A 507 4.35 28.94 9.04
N MET A 508 3.68 28.43 8.00
CA MET A 508 2.80 29.23 7.10
C MET A 508 1.64 28.37 6.62
N PRO A 509 0.42 28.95 6.47
CA PRO A 509 -0.71 28.20 5.93
C PRO A 509 -0.64 28.05 4.41
N TYR A 510 -1.25 26.99 3.88
CA TYR A 510 -1.43 26.70 2.44
C TYR A 510 -2.92 26.51 2.15
N VAL A 511 -3.40 27.05 1.03
CA VAL A 511 -4.75 26.74 0.48
C VAL A 511 -4.61 25.50 -0.42
N VAL A 512 -5.44 24.49 -0.18
CA VAL A 512 -5.30 23.12 -0.77
C VAL A 512 -6.67 22.44 -0.78
N ARG A 513 -6.99 21.73 -1.87
CA ARG A 513 -8.13 20.78 -1.93
C ARG A 513 -7.70 19.50 -1.20
N LEU A 514 -8.01 19.41 0.10
CA LEU A 514 -7.64 18.28 1.00
C LEU A 514 -8.32 17.01 0.49
N HIS A 515 -7.54 16.00 0.11
CA HIS A 515 -8.01 14.78 -0.59
C HIS A 515 -7.57 13.52 0.15
N ASN A 516 -6.27 13.20 0.13
CA ASN A 516 -5.68 12.07 0.89
C ASN A 516 -5.38 12.54 2.31
N PHE A 517 -6.40 12.54 3.18
CA PHE A 517 -6.30 12.96 4.60
C PHE A 517 -7.40 12.28 5.42
N HIS A 518 -7.34 12.47 6.74
CA HIS A 518 -8.34 11.97 7.73
C HIS A 518 -8.65 13.09 8.72
N GLN A 519 -9.91 13.52 8.79
CA GLN A 519 -10.39 14.56 9.75
C GLN A 519 -10.60 13.89 11.11
N LEU A 520 -9.75 14.20 12.10
CA LEU A 520 -9.65 13.47 13.39
C LEU A 520 -10.76 13.92 14.36
N SER A 521 -11.39 15.07 14.11
CA SER A 521 -12.47 15.61 14.97
C SER A 521 -13.31 16.63 14.18
N ALA A 522 -14.58 16.80 14.56
CA ALA A 522 -15.54 17.74 13.93
C ALA A 522 -14.98 19.17 13.98
N PRO A 523 -15.13 19.99 12.91
CA PRO A 523 -14.72 21.39 12.96
C PRO A 523 -15.45 22.18 14.06
N GLN A 524 -14.72 23.04 14.77
CA GLN A 524 -15.26 23.98 15.79
C GLN A 524 -14.88 25.40 15.40
N PRO A 525 -15.72 26.42 15.73
CA PRO A 525 -15.44 27.80 15.33
C PRO A 525 -14.17 28.35 16.02
N CYS A 526 -13.42 29.20 15.33
CA CYS A 526 -12.12 29.78 15.77
C CYS A 526 -12.29 31.29 16.02
N PHE A 527 -12.36 32.12 14.96
CA PHE A 527 -12.47 33.59 15.05
C PHE A 527 -13.73 34.06 14.31
N THR A 528 -14.43 35.04 14.89
CA THR A 528 -15.69 35.66 14.37
C THR A 528 -15.51 37.18 14.31
N PHE A 529 -16.00 37.81 13.25
CA PHE A 529 -16.01 39.29 13.04
C PHE A 529 -17.41 39.74 12.60
N SER A 530 -17.86 40.87 13.14
CA SER A 530 -19.17 41.53 12.82
C SER A 530 -18.91 42.87 12.11
N HIS A 531 -19.73 43.20 11.12
CA HIS A 531 -19.69 44.48 10.35
C HIS A 531 -21.09 45.06 10.23
N PRO A 532 -21.33 46.34 10.62
CA PRO A 532 -20.34 47.20 11.26
C PRO A 532 -19.98 46.75 12.68
N ASN A 533 -18.76 47.06 13.12
CA ASN A 533 -18.24 46.84 14.50
C ASN A 533 -18.32 48.16 15.26
N ARG A 534 -19.36 48.34 16.09
CA ARG A 534 -19.60 49.56 16.90
C ARG A 534 -19.05 49.31 18.32
N ASP A 535 -17.75 49.04 18.41
CA ASP A 535 -16.99 48.82 19.67
C ASP A 535 -16.25 50.12 19.99
N PRO A 536 -16.36 50.65 21.23
CA PRO A 536 -15.56 51.80 21.65
C PRO A 536 -14.06 51.56 21.44
N MET A 537 -13.58 50.37 21.85
CA MET A 537 -12.21 49.87 21.60
C MET A 537 -12.27 48.77 20.53
N ILE A 538 -11.85 49.09 19.30
CA ILE A 538 -11.83 48.15 18.12
C ILE A 538 -10.47 47.44 18.09
N ASP A 539 -10.46 46.14 18.40
CA ASP A 539 -9.25 45.26 18.35
C ASP A 539 -9.60 43.99 17.57
N ASN A 540 -8.94 43.76 16.43
CA ASN A 540 -9.12 42.58 15.55
C ASN A 540 -8.17 41.44 15.98
N ASN A 541 -7.25 41.68 16.93
CA ASN A 541 -6.38 40.63 17.52
C ASN A 541 -7.26 39.63 18.29
N ARG A 542 -6.88 38.35 18.25
CA ARG A 542 -7.69 37.23 18.81
C ARG A 542 -6.77 36.23 19.53
N TYR A 543 -7.36 35.48 20.46
CA TYR A 543 -6.78 34.27 21.12
C TYR A 543 -7.93 33.29 21.37
N CYS A 544 -7.79 32.05 20.92
CA CYS A 544 -8.82 30.98 20.95
C CYS A 544 -8.17 29.64 21.31
N THR A 545 -8.61 29.01 22.41
CA THR A 545 -8.25 27.62 22.80
C THR A 545 -9.36 26.69 22.31
N LEU A 546 -9.01 25.63 21.58
CA LEU A 546 -9.95 24.59 21.09
C LEU A 546 -9.53 23.23 21.64
N GLU A 547 -10.50 22.42 22.08
CA GLU A 547 -10.34 21.03 22.57
C GLU A 547 -11.12 20.09 21.62
N PHE A 548 -10.40 19.21 20.92
CA PHE A 548 -10.94 18.28 19.89
C PHE A 548 -10.96 16.86 20.44
N PRO A 549 -12.14 16.28 20.79
CA PRO A 549 -12.24 14.86 21.14
C PRO A 549 -11.87 13.97 19.94
N VAL A 550 -10.90 13.06 20.12
CA VAL A 550 -10.41 12.11 19.09
C VAL A 550 -10.80 10.69 19.50
N GLU A 551 -11.50 9.97 18.61
CA GLU A 551 -12.11 8.63 18.86
C GLU A 551 -11.23 7.51 18.30
N VAL A 552 -10.12 7.84 17.63
CA VAL A 552 -9.25 6.86 16.90
C VAL A 552 -7.80 7.02 17.39
N ASN A 553 -6.98 6.00 17.17
CA ASN A 553 -5.49 6.13 17.19
C ASN A 553 -5.09 6.73 15.85
N THR A 554 -4.13 7.66 15.83
CA THR A 554 -3.74 8.45 14.63
C THR A 554 -2.45 9.22 14.89
N VAL A 555 -2.02 10.02 13.89
CA VAL A 555 -0.87 10.95 13.96
C VAL A 555 -1.29 12.31 13.37
N LEU A 556 -1.24 13.37 14.18
CA LEU A 556 -1.63 14.76 13.81
C LEU A 556 -0.51 15.38 12.97
N HIS A 557 -0.84 15.90 11.78
CA HIS A 557 0.11 16.58 10.85
C HIS A 557 -0.25 18.06 10.65
N GLY A 558 -1.39 18.53 11.15
CA GLY A 558 -1.85 19.93 10.99
C GLY A 558 -3.34 20.08 11.22
N PHE A 559 -3.87 21.29 11.00
CA PHE A 559 -5.30 21.63 11.19
C PHE A 559 -5.87 22.19 9.87
N ALA A 560 -6.96 21.61 9.40
CA ALA A 560 -7.75 22.08 8.22
C ALA A 560 -8.60 23.26 8.66
N GLY A 561 -8.55 24.37 7.90
CA GLY A 561 -9.36 25.58 8.13
C GLY A 561 -10.48 25.70 7.11
N TYR A 562 -11.65 26.17 7.57
CA TYR A 562 -12.85 26.47 6.76
C TYR A 562 -13.48 27.77 7.29
N PHE A 563 -14.56 28.24 6.66
CA PHE A 563 -15.34 29.41 7.15
C PHE A 563 -16.82 29.32 6.73
N GLU A 564 -17.65 30.06 7.46
CA GLU A 564 -19.04 30.44 7.11
C GLU A 564 -19.17 31.96 7.16
N THR A 565 -20.05 32.54 6.33
CA THR A 565 -20.38 33.98 6.35
C THR A 565 -21.90 34.15 6.25
N VAL A 566 -22.45 35.06 7.06
CA VAL A 566 -23.79 35.67 6.88
C VAL A 566 -23.62 36.90 5.99
N LEU A 567 -24.16 36.85 4.77
CA LEU A 567 -24.22 38.01 3.83
C LEU A 567 -25.30 38.96 4.34
N TYR A 568 -26.51 38.44 4.54
CA TYR A 568 -27.68 39.17 5.09
C TYR A 568 -28.72 38.16 5.60
N GLN A 569 -28.97 38.14 6.92
CA GLN A 569 -30.04 37.33 7.57
C GLN A 569 -29.83 35.84 7.27
N ASP A 570 -30.78 35.19 6.59
CA ASP A 570 -30.74 33.74 6.22
C ASP A 570 -29.74 33.47 5.08
N ILE A 571 -29.39 34.50 4.28
CA ILE A 571 -28.58 34.33 3.04
C ILE A 571 -27.12 34.18 3.43
N THR A 572 -26.53 33.00 3.19
CA THR A 572 -25.20 32.58 3.73
C THR A 572 -24.36 31.90 2.65
N LEU A 573 -23.03 31.92 2.83
CA LEU A 573 -22.04 31.06 2.13
C LEU A 573 -21.25 30.28 3.20
N SER A 574 -20.74 29.11 2.83
CA SER A 574 -19.99 28.21 3.74
C SER A 574 -19.13 27.23 2.94
N ILE A 575 -17.92 26.92 3.44
CA ILE A 575 -17.07 25.81 2.95
C ILE A 575 -16.77 24.81 4.08
N ARG A 576 -17.45 24.93 5.24
CA ARG A 576 -17.60 23.83 6.23
C ARG A 576 -18.12 22.61 5.50
N PRO A 577 -17.42 21.45 5.48
CA PRO A 577 -17.92 20.26 4.79
C PRO A 577 -19.38 19.93 5.11
N GLU A 578 -19.79 20.09 6.38
CA GLU A 578 -21.12 19.67 6.89
C GLU A 578 -22.21 20.72 6.56
N THR A 579 -21.85 21.92 6.09
CA THR A 579 -22.81 22.99 5.69
C THR A 579 -22.38 23.66 4.38
N HIS A 580 -21.62 22.96 3.52
CA HIS A 580 -20.96 23.52 2.32
C HIS A 580 -22.01 23.98 1.30
N SER A 581 -21.84 25.19 0.74
CA SER A 581 -22.67 25.73 -0.37
C SER A 581 -22.52 24.80 -1.57
N PRO A 582 -23.60 24.16 -2.09
CA PRO A 582 -23.48 23.22 -3.20
C PRO A 582 -22.95 23.90 -4.48
N GLY A 583 -21.85 23.37 -5.04
CA GLY A 583 -21.27 23.82 -6.32
C GLY A 583 -20.31 25.00 -6.19
N MET A 584 -20.20 25.61 -5.01
CA MET A 584 -19.36 26.81 -4.77
C MET A 584 -17.90 26.38 -4.65
N PHE A 585 -17.03 26.86 -5.56
CA PHE A 585 -15.62 26.39 -5.71
C PHE A 585 -14.62 27.54 -5.57
N SER A 586 -15.05 28.75 -5.20
CA SER A 586 -14.20 29.97 -5.09
C SER A 586 -13.14 29.79 -4.01
N TRP A 587 -13.45 29.03 -2.94
CA TRP A 587 -12.53 28.74 -1.79
C TRP A 587 -12.36 27.24 -1.62
N PHE A 588 -11.12 26.74 -1.76
CA PHE A 588 -10.69 25.42 -1.22
C PHE A 588 -10.37 25.61 0.26
N PRO A 589 -10.26 24.51 1.06
CA PRO A 589 -9.80 24.62 2.44
C PRO A 589 -8.39 25.19 2.58
N ILE A 590 -8.07 25.71 3.77
CA ILE A 590 -6.71 26.17 4.17
C ILE A 590 -6.13 25.12 5.12
N LEU A 591 -4.80 24.96 5.12
CA LEU A 591 -4.06 23.99 5.98
C LEU A 591 -3.04 24.76 6.83
N PHE A 592 -3.10 24.59 8.15
CA PHE A 592 -2.06 25.02 9.11
C PHE A 592 -1.25 23.80 9.51
N PRO A 593 -0.04 23.58 8.94
CA PRO A 593 0.77 22.41 9.29
C PRO A 593 1.49 22.61 10.63
N ILE A 594 2.13 21.54 11.14
CA ILE A 594 3.01 21.57 12.35
C ILE A 594 4.35 20.91 12.01
N LYS A 595 5.44 21.49 12.53
CA LYS A 595 6.86 21.11 12.30
C LYS A 595 7.05 19.61 12.51
N GLN A 596 6.58 19.10 13.65
CA GLN A 596 6.76 17.68 14.05
C GLN A 596 5.39 17.05 14.33
N PRO A 597 5.08 15.89 13.71
CA PRO A 597 3.77 15.27 13.88
C PRO A 597 3.63 14.61 15.26
N ILE A 598 2.40 14.60 15.80
CA ILE A 598 2.09 14.25 17.21
C ILE A 598 1.22 12.98 17.21
N THR A 599 1.69 11.92 17.87
CA THR A 599 0.92 10.67 18.14
C THR A 599 -0.29 11.00 19.02
N VAL A 600 -1.47 10.52 18.64
CA VAL A 600 -2.75 10.71 19.38
C VAL A 600 -3.44 9.35 19.50
N ARG A 601 -3.60 8.86 20.73
CA ARG A 601 -4.28 7.57 21.05
C ARG A 601 -5.79 7.79 21.11
N GLU A 602 -6.55 6.70 21.04
CA GLU A 602 -8.04 6.69 21.18
C GLU A 602 -8.43 7.27 22.55
N GLY A 603 -9.44 8.13 22.60
CA GLY A 603 -9.97 8.74 23.83
C GLY A 603 -9.36 10.09 24.15
N GLN A 604 -8.13 10.37 23.68
CA GLN A 604 -7.35 11.59 24.00
C GLN A 604 -8.00 12.82 23.35
N THR A 605 -7.72 14.00 23.90
CA THR A 605 -8.16 15.33 23.40
C THR A 605 -6.95 16.02 22.76
N ILE A 606 -7.09 16.48 21.51
CA ILE A 606 -6.14 17.43 20.86
C ILE A 606 -6.55 18.84 21.30
N CYS A 607 -5.70 19.53 22.06
CA CYS A 607 -5.87 20.96 22.43
C CYS A 607 -4.96 21.81 21.54
N VAL A 608 -5.54 22.68 20.72
CA VAL A 608 -4.80 23.66 19.87
C VAL A 608 -5.15 25.07 20.33
N ARG A 609 -4.20 25.99 20.17
CA ARG A 609 -4.29 27.42 20.56
C ARG A 609 -3.95 28.26 19.33
N PHE A 610 -4.86 29.13 18.88
CA PHE A 610 -4.65 30.03 17.72
C PHE A 610 -4.72 31.49 18.19
N TRP A 611 -3.75 32.29 17.75
CA TRP A 611 -3.70 33.76 17.94
C TRP A 611 -3.80 34.45 16.57
N ARG A 612 -4.65 35.46 16.45
CA ARG A 612 -4.59 36.48 15.36
C ARG A 612 -3.82 37.69 15.92
N CYS A 613 -2.68 38.02 15.31
CA CYS A 613 -1.73 39.06 15.78
C CYS A 613 -1.56 40.12 14.69
N SER A 614 -1.13 41.32 15.07
CA SER A 614 -1.04 42.49 14.15
C SER A 614 -0.17 43.61 14.74
N ASN A 615 0.43 44.40 13.84
CA ASN A 615 0.86 45.80 14.10
C ASN A 615 0.19 46.68 13.03
N SER A 616 0.74 47.86 12.72
CA SER A 616 0.20 48.80 11.71
C SER A 616 0.54 48.32 10.28
N LYS A 617 1.61 47.53 10.12
CA LYS A 617 2.15 47.09 8.81
C LYS A 617 1.69 45.68 8.45
N LYS A 618 1.62 44.76 9.44
CA LYS A 618 1.41 43.30 9.20
C LYS A 618 0.25 42.77 10.07
N VAL A 619 -0.39 41.71 9.58
CA VAL A 619 -1.32 40.81 10.33
C VAL A 619 -0.85 39.38 10.08
N TRP A 620 -0.92 38.51 11.09
CA TRP A 620 -0.48 37.09 10.96
C TRP A 620 -1.18 36.20 12.00
N TYR A 621 -1.03 34.89 11.84
CA TYR A 621 -1.51 33.86 12.79
C TYR A 621 -0.29 33.23 13.48
N GLU A 622 -0.40 33.05 14.80
CA GLU A 622 0.47 32.14 15.59
C GLU A 622 -0.41 30.99 16.08
N TRP A 623 0.15 29.80 16.21
CA TRP A 623 -0.61 28.61 16.70
C TRP A 623 0.32 27.63 17.43
N ALA A 624 -0.25 26.84 18.35
CA ALA A 624 0.46 25.79 19.11
C ALA A 624 -0.51 24.66 19.48
N VAL A 625 0.02 23.45 19.60
CA VAL A 625 -0.67 22.27 20.22
C VAL A 625 -0.19 22.20 21.67
N THR A 626 -1.12 22.04 22.62
CA THR A 626 -0.84 21.95 24.09
C THR A 626 -1.21 20.57 24.66
N ALA A 627 -2.11 19.82 24.00
CA ALA A 627 -2.48 18.44 24.39
C ALA A 627 -2.65 17.59 23.13
N PRO A 628 -2.35 16.26 23.14
CA PRO A 628 -1.87 15.54 24.32
C PRO A 628 -0.39 15.76 24.66
N VAL A 629 0.39 16.37 23.75
CA VAL A 629 1.78 16.88 24.03
C VAL A 629 1.88 18.30 23.46
N CYS A 630 2.98 19.01 23.79
CA CYS A 630 3.21 20.41 23.35
C CYS A 630 4.01 20.41 22.04
N SER A 631 3.56 21.23 21.09
CA SER A 631 4.35 21.70 19.92
C SER A 631 5.12 22.96 20.34
N ALA A 632 6.10 23.36 19.55
CA ALA A 632 6.66 24.74 19.57
C ALA A 632 5.56 25.69 19.11
N ILE A 633 5.60 26.95 19.54
CA ILE A 633 4.72 28.03 19.00
C ILE A 633 5.16 28.28 17.55
N HIS A 634 4.23 28.19 16.61
CA HIS A 634 4.47 28.36 15.15
C HIS A 634 4.28 29.82 14.74
N ASN A 635 5.19 30.32 13.89
CA ASN A 635 5.16 31.66 13.27
C ASN A 635 5.18 32.75 14.34
N PRO A 636 6.03 32.68 15.39
CA PRO A 636 6.10 33.74 16.41
C PRO A 636 6.61 35.05 15.81
N THR A 637 5.85 36.14 16.00
CA THR A 637 6.13 37.51 15.49
C THR A 637 6.02 37.53 13.95
N GLY A 638 5.32 36.56 13.36
CA GLY A 638 5.20 36.39 11.89
C GLY A 638 6.55 36.23 11.22
N ARG A 639 7.48 35.50 11.84
CA ARG A 639 8.88 35.36 11.36
C ARG A 639 8.92 34.62 10.02
N SER A 640 7.97 33.70 9.79
CA SER A 640 7.87 32.85 8.57
C SER A 640 6.74 33.33 7.65
N TYR A 641 5.65 33.90 8.19
CA TYR A 641 4.43 34.30 7.44
C TYR A 641 3.84 35.59 8.02
N THR A 642 3.59 36.58 7.15
CA THR A 642 2.75 37.77 7.45
C THR A 642 1.80 38.04 6.28
N ILE A 643 0.67 38.69 6.61
CA ILE A 643 -0.32 39.23 5.63
C ILE A 643 -0.15 40.76 5.64
N GLY A 644 0.23 41.33 4.49
CA GLY A 644 0.53 42.77 4.36
C GLY A 644 -0.72 43.62 4.43
N LEU A 645 -0.70 44.68 5.25
CA LEU A 645 -1.72 45.76 5.27
C LEU A 645 -1.33 46.83 4.25
N ALA B 29 12.84 -37.33 -25.68
CA ALA B 29 13.24 -36.57 -24.45
C ALA B 29 13.75 -35.17 -24.83
N PRO B 30 13.85 -34.21 -23.87
CA PRO B 30 14.50 -32.93 -24.13
C PRO B 30 15.97 -33.05 -24.53
N ALA B 31 16.47 -32.09 -25.32
CA ALA B 31 17.85 -32.03 -25.86
C ALA B 31 18.87 -31.94 -24.72
N CYS B 32 18.64 -31.02 -23.76
CA CYS B 32 19.50 -30.75 -22.59
C CYS B 32 18.64 -30.42 -21.36
N MET B 33 19.03 -30.92 -20.17
CA MET B 33 18.29 -30.70 -18.89
C MET B 33 18.90 -29.49 -18.16
N GLU B 34 18.16 -28.96 -17.17
CA GLU B 34 18.44 -27.67 -16.51
C GLU B 34 19.47 -27.89 -15.38
N ARG B 35 20.26 -26.86 -15.08
CA ARG B 35 21.47 -26.92 -14.21
C ARG B 35 21.10 -27.28 -12.77
N GLN B 36 20.01 -26.72 -12.23
CA GLN B 36 19.65 -26.81 -10.79
C GLN B 36 18.83 -28.08 -10.54
N LEU B 37 19.49 -29.13 -10.04
CA LEU B 37 18.86 -30.42 -9.66
C LEU B 37 18.23 -30.28 -8.27
N GLU B 38 16.91 -30.43 -8.18
CA GLU B 38 16.13 -30.19 -6.94
C GLU B 38 15.80 -31.50 -6.22
N ALA B 39 15.47 -32.56 -6.96
CA ALA B 39 14.92 -33.83 -6.42
C ALA B 39 15.69 -35.05 -6.97
N ALA B 40 15.80 -36.09 -6.15
CA ALA B 40 16.41 -37.40 -6.46
C ALA B 40 15.71 -38.47 -5.61
N ARG B 41 15.09 -39.48 -6.25
CA ARG B 41 14.26 -40.52 -5.59
C ARG B 41 14.47 -41.88 -6.26
N TYR B 42 14.79 -42.91 -5.47
CA TYR B 42 14.83 -44.34 -5.90
C TYR B 42 13.48 -45.00 -5.58
N ARG B 43 12.96 -45.80 -6.52
CA ARG B 43 11.80 -46.71 -6.32
C ARG B 43 12.33 -48.14 -6.09
N SER B 44 11.43 -49.13 -5.98
CA SER B 44 11.71 -50.55 -5.60
C SER B 44 12.84 -51.15 -6.46
N ASP B 45 12.74 -51.06 -7.79
CA ASP B 45 13.64 -51.75 -8.76
C ASP B 45 14.95 -50.96 -8.96
N GLY B 46 15.16 -49.85 -8.24
CA GLY B 46 16.44 -49.12 -8.18
C GLY B 46 16.64 -48.14 -9.33
N ALA B 47 15.54 -47.74 -10.00
CA ALA B 47 15.52 -46.70 -11.05
C ALA B 47 15.46 -45.32 -10.38
N LEU B 48 16.33 -44.39 -10.80
CA LEU B 48 16.49 -43.04 -10.20
C LEU B 48 15.55 -42.05 -10.90
N LEU B 49 14.64 -41.41 -10.15
CA LEU B 49 13.81 -40.26 -10.58
C LEU B 49 14.57 -38.96 -10.26
N LEU B 50 14.69 -38.06 -11.24
CA LEU B 50 15.32 -36.72 -11.09
C LEU B 50 14.32 -35.63 -11.47
N GLY B 51 14.17 -34.61 -10.61
CA GLY B 51 13.56 -33.30 -10.92
C GLY B 51 14.63 -32.24 -11.10
N ALA B 52 14.46 -31.37 -12.11
CA ALA B 52 15.39 -30.25 -12.43
C ALA B 52 14.60 -28.96 -12.63
N SER B 53 15.22 -27.82 -12.30
CA SER B 53 14.73 -26.44 -12.53
C SER B 53 15.83 -25.62 -13.20
N SER B 54 15.46 -24.68 -14.07
CA SER B 54 16.31 -23.54 -14.50
C SER B 54 15.96 -22.33 -13.61
N LEU B 55 16.83 -22.03 -12.63
CA LEU B 55 16.66 -20.90 -11.68
C LEU B 55 17.38 -19.65 -12.20
N SER B 56 18.02 -19.72 -13.37
CA SER B 56 18.73 -18.60 -14.02
C SER B 56 18.75 -18.77 -15.54
N GLY B 57 18.88 -17.67 -16.29
CA GLY B 57 18.91 -17.63 -17.76
C GLY B 57 17.54 -17.32 -18.35
N ARG B 58 17.44 -17.33 -19.68
CA ARG B 58 16.27 -16.86 -20.48
C ARG B 58 14.97 -17.50 -19.97
N CYS B 59 14.91 -18.83 -19.98
N CYS B 59 14.91 -18.83 -19.98
CA CYS B 59 13.71 -19.66 -19.65
CA CYS B 59 13.70 -19.65 -19.65
C CYS B 59 13.82 -20.19 -18.22
C CYS B 59 13.81 -20.21 -18.23
N TRP B 60 12.79 -19.95 -17.40
CA TRP B 60 12.71 -20.42 -15.98
C TRP B 60 11.67 -21.53 -15.86
N ALA B 61 12.01 -22.73 -16.35
CA ALA B 61 11.13 -23.92 -16.40
C ALA B 61 11.76 -25.06 -15.61
N GLY B 62 11.29 -26.30 -15.80
CA GLY B 62 11.85 -27.52 -15.20
C GLY B 62 11.57 -28.76 -16.02
N SER B 63 12.02 -29.92 -15.54
CA SER B 63 11.95 -31.22 -16.26
C SER B 63 12.01 -32.40 -15.28
N LEU B 64 11.48 -33.55 -15.72
CA LEU B 64 11.48 -34.84 -14.98
C LEU B 64 12.23 -35.87 -15.84
N TRP B 65 13.04 -36.72 -15.20
CA TRP B 65 13.91 -37.75 -15.86
C TRP B 65 13.86 -39.06 -15.08
N LEU B 66 13.89 -40.19 -15.79
CA LEU B 66 14.05 -41.55 -15.23
C LEU B 66 15.37 -42.15 -15.71
N PHE B 67 16.14 -42.76 -14.80
CA PHE B 67 17.46 -43.39 -15.05
C PHE B 67 17.47 -44.82 -14.47
N LYS B 68 17.20 -45.81 -15.34
CA LYS B 68 17.27 -47.26 -15.00
C LYS B 68 18.72 -47.64 -14.68
N ASP B 69 19.68 -46.99 -15.34
CA ASP B 69 21.12 -46.99 -14.97
C ASP B 69 21.42 -45.72 -14.19
N PRO B 70 21.62 -45.78 -12.84
CA PRO B 70 21.83 -44.58 -12.03
C PRO B 70 23.22 -43.94 -12.23
N CYS B 71 24.24 -44.74 -12.54
CA CYS B 71 25.64 -44.31 -12.80
C CYS B 71 25.73 -43.45 -14.07
N ALA B 72 24.79 -43.61 -15.01
CA ALA B 72 24.71 -42.84 -16.29
C ALA B 72 24.38 -41.37 -16.01
N ALA B 73 23.51 -41.10 -15.02
CA ALA B 73 22.99 -39.76 -14.65
C ALA B 73 24.14 -38.83 -14.27
N PRO B 74 24.07 -37.49 -14.56
CA PRO B 74 22.89 -36.84 -15.14
C PRO B 74 22.89 -36.69 -16.67
N ASN B 75 23.58 -37.59 -17.39
CA ASN B 75 23.78 -37.54 -18.86
C ASN B 75 22.44 -37.82 -19.57
N GLU B 76 21.96 -36.85 -20.36
CA GLU B 76 20.58 -36.81 -20.91
C GLU B 76 20.39 -37.90 -21.98
N GLY B 77 21.38 -38.07 -22.87
CA GLY B 77 21.36 -39.03 -23.99
C GLY B 77 21.18 -40.47 -23.54
N PHE B 78 21.75 -40.84 -22.39
CA PHE B 78 21.75 -42.21 -21.81
C PHE B 78 20.78 -42.27 -20.64
N CYS B 79 19.51 -41.95 -20.90
CA CYS B 79 18.36 -42.01 -19.94
C CYS B 79 17.21 -42.82 -20.54
N SER B 80 16.37 -43.40 -19.69
CA SER B 80 15.18 -44.22 -20.05
C SER B 80 14.03 -43.31 -20.50
N ALA B 81 13.71 -42.28 -19.71
CA ALA B 81 12.61 -41.32 -19.96
C ALA B 81 13.04 -39.89 -19.62
N GLY B 82 12.31 -38.91 -20.16
CA GLY B 82 12.57 -37.46 -19.99
C GLY B 82 11.45 -36.61 -20.57
N VAL B 83 10.98 -35.60 -19.83
CA VAL B 83 9.87 -34.69 -20.26
C VAL B 83 10.12 -33.27 -19.71
N GLN B 84 9.62 -32.27 -20.43
CA GLN B 84 9.65 -30.83 -20.06
C GLN B 84 8.35 -30.49 -19.31
N THR B 85 8.46 -29.70 -18.22
CA THR B 85 7.30 -29.12 -17.47
C THR B 85 7.18 -27.62 -17.80
N GLU B 86 6.02 -27.02 -17.55
CA GLU B 86 5.72 -25.59 -17.84
C GLU B 86 6.65 -24.68 -17.01
N ALA B 87 6.85 -25.01 -15.73
CA ALA B 87 7.60 -24.22 -14.72
C ALA B 87 8.54 -25.14 -13.94
N GLY B 88 9.29 -24.56 -12.99
CA GLY B 88 10.33 -25.26 -12.21
C GLY B 88 9.77 -26.30 -11.26
N VAL B 89 10.61 -27.24 -10.86
CA VAL B 89 10.32 -28.29 -9.84
C VAL B 89 10.88 -27.80 -8.50
N ALA B 90 10.00 -27.46 -7.55
CA ALA B 90 10.36 -27.07 -6.17
C ALA B 90 10.57 -28.33 -5.33
N ASP B 91 9.70 -29.34 -5.53
CA ASP B 91 9.79 -30.68 -4.90
C ASP B 91 8.98 -31.66 -5.76
N LEU B 92 9.30 -32.95 -5.67
CA LEU B 92 8.46 -34.06 -6.24
C LEU B 92 8.51 -35.27 -5.31
N THR B 93 7.77 -36.32 -5.66
CA THR B 93 7.82 -37.67 -5.02
C THR B 93 7.15 -38.69 -5.93
N TRP B 94 7.59 -39.96 -5.85
CA TRP B 94 6.92 -41.13 -6.47
C TRP B 94 5.50 -41.26 -5.94
N VAL B 95 4.57 -41.69 -6.79
CA VAL B 95 3.21 -42.19 -6.42
C VAL B 95 3.14 -43.67 -6.84
N GLY B 96 3.42 -44.58 -5.92
CA GLY B 96 3.61 -46.01 -6.21
C GLY B 96 4.90 -46.23 -6.98
N GLU B 97 4.84 -46.93 -8.11
CA GLU B 97 6.01 -47.33 -8.95
C GLU B 97 6.03 -46.56 -10.28
N ARG B 98 4.88 -46.07 -10.75
CA ARG B 98 4.69 -45.53 -12.14
C ARG B 98 4.45 -44.01 -12.14
N GLY B 99 3.66 -43.49 -11.18
CA GLY B 99 3.25 -42.07 -11.12
C GLY B 99 4.28 -41.18 -10.44
N ILE B 100 4.31 -39.89 -10.78
CA ILE B 100 5.25 -38.85 -10.23
C ILE B 100 4.44 -37.61 -9.83
N LEU B 101 4.42 -37.28 -8.54
CA LEU B 101 3.73 -36.08 -7.98
C LEU B 101 4.75 -34.93 -7.89
N VAL B 102 4.37 -33.74 -8.37
CA VAL B 102 5.29 -32.59 -8.66
C VAL B 102 4.70 -31.29 -8.09
N ALA B 103 5.50 -30.58 -7.28
CA ALA B 103 5.22 -29.22 -6.77
C ALA B 103 5.82 -28.17 -7.72
N SER B 104 4.96 -27.38 -8.38
CA SER B 104 5.33 -26.40 -9.43
C SER B 104 5.41 -24.97 -8.86
N ASP B 105 6.27 -24.13 -9.47
CA ASP B 105 6.34 -22.67 -9.24
C ASP B 105 5.02 -22.00 -9.66
N SER B 106 4.34 -22.55 -10.68
CA SER B 106 3.06 -22.04 -11.25
C SER B 106 1.95 -21.94 -10.20
N GLY B 107 2.12 -22.59 -9.04
CA GLY B 107 1.09 -22.70 -7.98
C GLY B 107 0.20 -23.89 -8.24
N ALA B 108 0.75 -24.93 -8.87
CA ALA B 108 0.03 -26.14 -9.32
C ALA B 108 0.70 -27.38 -8.74
N VAL B 109 -0.11 -28.36 -8.34
CA VAL B 109 0.32 -29.77 -8.09
C VAL B 109 0.11 -30.53 -9.41
N GLU B 110 1.14 -31.20 -9.91
CA GLU B 110 1.14 -31.94 -11.20
C GLU B 110 1.38 -33.43 -10.92
N LEU B 111 0.52 -34.29 -11.49
CA LEU B 111 0.69 -35.77 -11.50
C LEU B 111 1.05 -36.21 -12.92
N TRP B 112 2.26 -36.73 -13.11
CA TRP B 112 2.74 -37.38 -14.35
C TRP B 112 2.76 -38.90 -14.14
N GLU B 113 2.59 -39.68 -15.22
CA GLU B 113 2.63 -41.17 -15.22
C GLU B 113 3.54 -41.66 -16.35
N LEU B 114 4.36 -42.68 -16.07
CA LEU B 114 5.09 -43.49 -17.09
C LEU B 114 4.07 -44.36 -17.85
N ASP B 115 4.33 -44.63 -19.13
CA ASP B 115 3.57 -45.61 -19.96
C ASP B 115 3.97 -47.04 -19.54
N GLU B 116 3.34 -48.05 -20.13
CA GLU B 116 3.60 -49.49 -19.82
C GLU B 116 5.07 -49.84 -20.14
N ASN B 117 5.62 -49.29 -21.23
CA ASN B 117 7.03 -49.47 -21.65
C ASN B 117 7.98 -48.69 -20.71
N GLU B 118 7.49 -47.60 -20.12
CA GLU B 118 8.24 -46.65 -19.23
C GLU B 118 9.31 -45.94 -20.07
N THR B 119 8.91 -45.49 -21.26
CA THR B 119 9.76 -44.77 -22.26
C THR B 119 9.39 -43.28 -22.29
N LEU B 120 8.09 -42.95 -22.19
CA LEU B 120 7.55 -41.57 -22.12
C LEU B 120 6.98 -41.29 -20.72
N ILE B 121 6.85 -39.99 -20.39
CA ILE B 121 6.22 -39.47 -19.14
C ILE B 121 5.09 -38.51 -19.56
N VAL B 122 3.83 -38.86 -19.27
CA VAL B 122 2.61 -38.13 -19.73
C VAL B 122 1.94 -37.46 -18.53
N SER B 123 1.43 -36.24 -18.73
CA SER B 123 0.60 -35.47 -17.75
C SER B 123 -0.74 -36.17 -17.54
N LYS B 124 -1.15 -36.40 -16.29
CA LYS B 124 -2.46 -36.99 -15.91
C LYS B 124 -3.39 -35.86 -15.43
N PHE B 125 -2.91 -35.01 -14.50
CA PHE B 125 -3.57 -33.74 -14.12
C PHE B 125 -2.54 -32.66 -13.79
N CYS B 126 -2.89 -31.40 -14.05
CA CYS B 126 -2.16 -30.17 -13.65
C CYS B 126 -3.17 -29.15 -13.14
N LYS B 127 -3.46 -29.18 -11.83
CA LYS B 127 -4.50 -28.35 -11.17
C LYS B 127 -3.84 -27.16 -10.45
N TYR B 128 -4.26 -25.94 -10.80
CA TYR B 128 -3.75 -24.65 -10.27
C TYR B 128 -4.64 -24.22 -9.08
N GLU B 129 -4.34 -24.74 -7.88
CA GLU B 129 -5.15 -24.54 -6.65
C GLU B 129 -4.45 -23.63 -5.64
N HIS B 130 -3.10 -23.60 -5.62
CA HIS B 130 -2.29 -22.68 -4.76
C HIS B 130 -2.13 -21.32 -5.46
N ASP B 131 -2.09 -20.24 -4.66
CA ASP B 131 -1.99 -18.82 -5.13
C ASP B 131 -0.53 -18.36 -5.23
N ASP B 132 0.42 -19.13 -4.69
CA ASP B 132 1.88 -18.88 -4.79
C ASP B 132 2.59 -20.21 -5.08
N ILE B 133 3.92 -20.20 -5.18
CA ILE B 133 4.79 -21.38 -5.47
C ILE B 133 4.39 -22.52 -4.53
N VAL B 134 4.23 -23.73 -5.07
CA VAL B 134 4.06 -25.00 -4.29
C VAL B 134 5.48 -25.47 -3.95
N SER B 135 5.80 -25.55 -2.65
CA SER B 135 7.17 -25.66 -2.09
C SER B 135 7.51 -27.10 -1.69
N THR B 136 6.54 -27.83 -1.12
CA THR B 136 6.71 -29.17 -0.51
C THR B 136 5.49 -30.04 -0.84
N VAL B 137 5.71 -31.34 -1.08
CA VAL B 137 4.64 -32.33 -1.37
C VAL B 137 5.06 -33.71 -0.85
N SER B 138 4.09 -34.52 -0.41
CA SER B 138 4.30 -35.84 0.26
C SER B 138 3.07 -36.74 0.04
N VAL B 139 3.30 -38.02 -0.26
CA VAL B 139 2.24 -39.05 -0.49
C VAL B 139 1.89 -39.71 0.85
N LEU B 140 0.60 -39.86 1.14
CA LEU B 140 0.07 -40.46 2.40
C LEU B 140 0.17 -41.99 2.32
N SER B 141 -0.08 -42.68 3.45
CA SER B 141 0.08 -44.15 3.62
C SER B 141 -0.65 -44.91 2.51
N SER B 142 -1.93 -44.59 2.28
CA SER B 142 -2.81 -45.24 1.27
C SER B 142 -2.14 -45.26 -0.10
N GLY B 143 -1.57 -44.12 -0.53
CA GLY B 143 -1.01 -43.91 -1.88
C GLY B 143 -2.08 -43.39 -2.85
N THR B 144 -3.31 -43.18 -2.36
CA THR B 144 -4.48 -42.65 -3.11
C THR B 144 -4.71 -41.16 -2.78
N GLN B 145 -4.01 -40.64 -1.77
CA GLN B 145 -4.09 -39.23 -1.31
C GLN B 145 -2.68 -38.68 -1.08
N ALA B 146 -2.52 -37.35 -1.20
CA ALA B 146 -1.25 -36.62 -0.95
C ALA B 146 -1.55 -35.24 -0.35
N VAL B 147 -0.55 -34.67 0.33
CA VAL B 147 -0.62 -33.34 1.02
C VAL B 147 0.48 -32.44 0.43
N SER B 148 0.16 -31.17 0.18
CA SER B 148 1.06 -30.16 -0.45
C SER B 148 1.17 -28.91 0.44
N GLY B 149 2.36 -28.32 0.49
CA GLY B 149 2.65 -27.03 1.15
C GLY B 149 3.14 -25.99 0.17
N SER B 150 2.73 -24.73 0.35
CA SER B 150 2.98 -23.60 -0.59
C SER B 150 3.32 -22.31 0.18
N LYS B 151 3.91 -21.34 -0.54
CA LYS B 151 4.24 -19.98 -0.02
C LYS B 151 2.96 -19.19 0.26
N ASP B 152 1.82 -19.58 -0.33
CA ASP B 152 0.48 -18.99 -0.06
C ASP B 152 0.00 -19.34 1.35
N ILE B 153 0.77 -20.13 2.11
CA ILE B 153 0.66 -20.38 3.59
C ILE B 153 -0.27 -21.60 3.83
N CYS B 154 -1.09 -21.98 2.86
CA CYS B 154 -2.13 -23.05 2.98
C CYS B 154 -1.49 -24.44 2.82
N ILE B 155 -2.16 -25.47 3.35
CA ILE B 155 -1.83 -26.91 3.15
C ILE B 155 -3.10 -27.61 2.63
N LYS B 156 -2.97 -28.38 1.55
CA LYS B 156 -4.10 -28.99 0.81
C LYS B 156 -3.92 -30.52 0.76
N VAL B 157 -4.98 -31.26 1.14
CA VAL B 157 -5.07 -32.74 1.02
C VAL B 157 -5.76 -33.06 -0.32
N TRP B 158 -5.14 -33.91 -1.13
CA TRP B 158 -5.56 -34.24 -2.53
C TRP B 158 -6.18 -35.65 -2.58
N ASP B 159 -7.15 -35.86 -3.47
CA ASP B 159 -7.59 -37.20 -3.97
C ASP B 159 -7.00 -37.39 -5.37
N LEU B 160 -6.03 -38.32 -5.49
CA LEU B 160 -5.22 -38.54 -6.72
C LEU B 160 -6.07 -39.23 -7.80
N ALA B 161 -7.13 -39.96 -7.40
CA ALA B 161 -8.09 -40.62 -8.31
C ALA B 161 -9.04 -39.58 -8.91
N GLN B 162 -9.73 -38.81 -8.06
CA GLN B 162 -10.74 -37.79 -8.47
C GLN B 162 -10.06 -36.52 -9.02
N GLN B 163 -8.78 -36.29 -8.67
CA GLN B 163 -7.96 -35.13 -9.12
C GLN B 163 -8.53 -33.82 -8.53
N VAL B 164 -8.77 -33.80 -7.21
CA VAL B 164 -9.41 -32.65 -6.50
C VAL B 164 -8.78 -32.50 -5.10
N VAL B 165 -8.97 -31.33 -4.50
CA VAL B 165 -8.59 -30.99 -3.08
C VAL B 165 -9.78 -31.31 -2.18
N LEU B 166 -9.62 -32.25 -1.25
CA LEU B 166 -10.67 -32.63 -0.26
C LEU B 166 -10.74 -31.56 0.84
N SER B 167 -9.60 -31.13 1.35
CA SER B 167 -9.47 -30.16 2.47
C SER B 167 -8.43 -29.08 2.12
N SER B 168 -8.73 -27.81 2.41
CA SER B 168 -7.81 -26.64 2.33
C SER B 168 -7.61 -26.07 3.73
N TYR B 169 -6.41 -26.23 4.31
CA TYR B 169 -6.07 -25.86 5.71
C TYR B 169 -5.12 -24.65 5.72
N ARG B 170 -5.57 -23.52 6.26
CA ARG B 170 -4.75 -22.30 6.53
C ARG B 170 -4.45 -22.24 8.02
N ALA B 171 -3.53 -23.10 8.50
CA ALA B 171 -3.12 -23.22 9.91
C ALA B 171 -1.98 -22.23 10.22
N HIS B 172 -1.01 -22.10 9.31
CA HIS B 172 0.23 -21.30 9.49
C HIS B 172 -0.05 -19.81 9.22
N ALA B 173 0.93 -18.96 9.53
CA ALA B 173 0.92 -17.50 9.30
C ALA B 173 2.09 -17.06 8.39
N ALA B 174 2.83 -18.01 7.80
CA ALA B 174 3.98 -17.76 6.90
C ALA B 174 4.17 -18.95 5.94
N GLN B 175 5.21 -18.89 5.09
CA GLN B 175 5.53 -19.95 4.08
C GLN B 175 5.52 -21.33 4.74
N VAL B 176 4.84 -22.30 4.10
CA VAL B 176 4.92 -23.75 4.47
C VAL B 176 6.21 -24.30 3.87
N THR B 177 7.19 -24.64 4.71
CA THR B 177 8.57 -25.02 4.30
C THR B 177 8.61 -26.49 3.90
N CYS B 178 8.04 -27.36 4.74
CA CYS B 178 8.11 -28.85 4.61
C CYS B 178 6.80 -29.49 5.10
N VAL B 179 6.29 -30.48 4.34
CA VAL B 179 5.19 -31.39 4.76
C VAL B 179 5.67 -32.84 4.56
N ALA B 180 5.57 -33.66 5.61
CA ALA B 180 5.99 -35.09 5.62
C ALA B 180 4.82 -35.96 6.07
N ALA B 181 4.36 -36.87 5.19
CA ALA B 181 3.26 -37.82 5.46
C ALA B 181 3.76 -38.90 6.43
N SER B 182 2.89 -39.34 7.34
CA SER B 182 3.17 -40.46 8.29
C SER B 182 3.37 -41.74 7.47
N PRO B 183 4.37 -42.60 7.81
CA PRO B 183 4.64 -43.82 7.03
C PRO B 183 3.45 -44.79 6.98
N HIS B 184 2.84 -45.08 8.13
CA HIS B 184 1.85 -46.17 8.34
C HIS B 184 0.49 -45.62 8.84
N LYS B 185 0.21 -44.33 8.62
CA LYS B 185 -1.07 -43.67 9.03
C LYS B 185 -1.51 -42.70 7.93
N ASP B 186 -2.66 -42.97 7.30
CA ASP B 186 -3.18 -42.23 6.12
C ASP B 186 -3.71 -40.85 6.53
N SER B 187 -4.07 -40.66 7.80
CA SER B 187 -4.72 -39.43 8.35
C SER B 187 -3.70 -38.47 8.98
N VAL B 188 -2.46 -38.91 9.24
CA VAL B 188 -1.45 -38.16 10.05
C VAL B 188 -0.32 -37.68 9.11
N PHE B 189 0.22 -36.49 9.40
CA PHE B 189 1.39 -35.89 8.73
C PHE B 189 1.95 -34.73 9.57
N LEU B 190 3.26 -34.47 9.41
CA LEU B 190 3.95 -33.29 9.98
C LEU B 190 3.93 -32.16 8.95
N SER B 191 3.90 -30.91 9.43
CA SER B 191 4.19 -29.68 8.64
C SER B 191 5.04 -28.74 9.48
N CYS B 192 5.80 -27.85 8.84
CA CYS B 192 6.59 -26.78 9.51
C CYS B 192 6.70 -25.57 8.57
N SER B 193 6.82 -24.38 9.16
CA SER B 193 6.67 -23.06 8.49
C SER B 193 7.60 -22.02 9.14
N GLU B 194 7.70 -20.85 8.51
CA GLU B 194 8.56 -19.72 8.94
C GLU B 194 7.83 -18.88 10.00
N ASP B 195 6.61 -19.27 10.40
CA ASP B 195 5.91 -18.77 11.61
C ASP B 195 6.46 -19.46 12.87
N ASN B 196 7.43 -20.38 12.71
CA ASN B 196 8.19 -21.05 13.82
C ASN B 196 7.29 -22.09 14.50
N ARG B 197 6.31 -22.64 13.77
CA ARG B 197 5.40 -23.73 14.22
C ARG B 197 5.79 -25.04 13.53
N ILE B 198 5.95 -26.13 14.31
CA ILE B 198 5.93 -27.54 13.82
C ILE B 198 4.59 -28.14 14.24
N LEU B 199 3.70 -28.41 13.27
CA LEU B 199 2.33 -28.94 13.53
C LEU B 199 2.29 -30.46 13.26
N LEU B 200 1.86 -31.24 14.26
CA LEU B 200 1.35 -32.63 14.08
C LEU B 200 -0.10 -32.53 13.62
N TRP B 201 -0.46 -33.23 12.54
CA TRP B 201 -1.83 -33.27 11.98
C TRP B 201 -2.48 -34.63 12.25
N ASP B 202 -3.80 -34.64 12.36
CA ASP B 202 -4.66 -35.85 12.37
C ASP B 202 -6.06 -35.42 11.90
N THR B 203 -6.39 -35.70 10.64
CA THR B 203 -7.64 -35.25 9.96
C THR B 203 -8.90 -35.80 10.67
N ARG B 204 -8.75 -36.82 11.51
CA ARG B 204 -9.85 -37.44 12.31
C ARG B 204 -10.36 -36.48 13.38
N CYS B 205 -9.49 -35.61 13.93
CA CYS B 205 -9.86 -34.60 14.96
C CYS B 205 -10.59 -33.42 14.31
N PRO B 206 -11.56 -32.77 15.00
CA PRO B 206 -12.27 -31.62 14.45
C PRO B 206 -11.38 -30.36 14.35
N LYS B 207 -10.40 -30.24 15.28
CA LYS B 207 -9.22 -29.34 15.16
C LYS B 207 -8.01 -30.20 14.82
N PRO B 208 -7.71 -30.43 13.52
CA PRO B 208 -6.74 -31.45 13.11
C PRO B 208 -5.25 -31.16 13.38
N ALA B 209 -4.84 -29.90 13.57
CA ALA B 209 -3.44 -29.50 13.80
C ALA B 209 -3.14 -29.46 15.30
N SER B 210 -1.88 -29.67 15.69
CA SER B 210 -1.36 -29.61 17.09
C SER B 210 0.09 -29.14 17.09
N GLN B 211 0.39 -28.05 17.80
CA GLN B 211 1.72 -27.38 17.82
C GLN B 211 2.66 -28.10 18.79
N ILE B 212 3.80 -28.59 18.29
CA ILE B 212 4.78 -29.45 19.03
C ILE B 212 5.91 -28.55 19.54
N GLY B 213 6.14 -28.54 20.87
CA GLY B 213 7.20 -27.76 21.54
C GLY B 213 6.66 -27.02 22.75
N PRO B 217 10.40 -24.51 16.93
CA PRO B 217 10.67 -23.48 17.95
C PRO B 217 12.08 -22.89 17.92
N GLY B 218 12.25 -21.69 18.49
CA GLY B 218 13.52 -20.96 18.60
C GLY B 218 14.01 -20.46 17.24
N TYR B 219 14.83 -21.27 16.56
CA TYR B 219 15.24 -21.09 15.14
C TYR B 219 14.23 -21.84 14.25
N LEU B 220 13.90 -21.27 13.09
CA LEU B 220 12.78 -21.73 12.22
C LEU B 220 13.02 -23.17 11.75
N PRO B 221 12.01 -24.06 11.81
CA PRO B 221 12.14 -25.42 11.27
C PRO B 221 12.10 -25.47 9.74
N THR B 222 13.02 -26.21 9.12
CA THR B 222 13.33 -26.16 7.66
C THR B 222 13.21 -27.53 6.97
N SER B 223 13.08 -28.64 7.71
CA SER B 223 13.05 -30.02 7.14
C SER B 223 12.46 -31.01 8.15
N LEU B 224 11.72 -32.02 7.67
CA LEU B 224 10.99 -33.02 8.51
C LEU B 224 11.20 -34.42 7.94
N ALA B 225 11.33 -35.42 8.82
CA ALA B 225 11.43 -36.87 8.47
C ALA B 225 10.92 -37.73 9.62
N TRP B 226 9.86 -38.51 9.37
CA TRP B 226 9.35 -39.56 10.29
C TRP B 226 10.40 -40.67 10.43
N HIS B 227 10.55 -41.25 11.63
CA HIS B 227 11.33 -42.49 11.86
C HIS B 227 10.54 -43.65 11.26
N PRO B 228 11.13 -44.48 10.36
CA PRO B 228 10.36 -45.50 9.63
C PRO B 228 9.83 -46.66 10.49
N GLN B 229 10.57 -47.04 11.53
CA GLN B 229 10.21 -48.16 12.45
C GLN B 229 9.32 -47.63 13.58
N GLN B 230 9.82 -46.65 14.35
CA GLN B 230 9.14 -46.07 15.55
C GLN B 230 8.10 -45.04 15.09
N SER B 231 6.82 -45.38 15.17
CA SER B 231 5.66 -44.63 14.62
C SER B 231 5.53 -43.23 15.26
N GLU B 232 5.90 -43.09 16.54
CA GLU B 232 5.70 -41.85 17.33
C GLU B 232 7.01 -41.05 17.47
N VAL B 233 7.90 -41.13 16.47
CA VAL B 233 9.22 -40.43 16.46
C VAL B 233 9.43 -39.80 15.08
N PHE B 234 9.94 -38.56 15.06
CA PHE B 234 10.39 -37.84 13.84
C PHE B 234 11.66 -37.02 14.17
N VAL B 235 12.32 -36.52 13.14
CA VAL B 235 13.49 -35.61 13.23
C VAL B 235 13.18 -34.33 12.44
N PHE B 236 13.62 -33.17 12.94
CA PHE B 236 13.46 -31.86 12.26
C PHE B 236 14.80 -31.10 12.25
N GLY B 237 15.17 -30.55 11.08
CA GLY B 237 16.32 -29.66 10.89
C GLY B 237 15.88 -28.21 10.87
N ASP B 238 16.63 -27.32 11.52
CA ASP B 238 16.31 -25.87 11.63
C ASP B 238 17.18 -25.09 10.63
N GLU B 239 16.96 -23.78 10.54
CA GLU B 239 17.69 -22.85 9.64
C GLU B 239 19.13 -22.59 10.12
N ASN B 240 19.46 -22.92 11.37
CA ASN B 240 20.78 -22.68 12.01
C ASN B 240 21.74 -23.87 11.80
N GLY B 241 21.24 -24.99 11.25
CA GLY B 241 22.03 -26.19 10.92
C GLY B 241 21.98 -27.26 12.01
N THR B 242 21.02 -27.16 12.93
CA THR B 242 20.80 -28.13 14.05
C THR B 242 19.76 -29.16 13.60
N VAL B 243 20.11 -30.44 13.65
CA VAL B 243 19.19 -31.61 13.49
C VAL B 243 18.74 -32.02 14.90
N SER B 244 17.42 -32.22 15.09
CA SER B 244 16.78 -32.54 16.38
C SER B 244 15.95 -33.83 16.27
N LEU B 245 16.00 -34.69 17.28
CA LEU B 245 15.15 -35.90 17.44
C LEU B 245 14.01 -35.58 18.42
N VAL B 246 12.77 -35.94 18.05
CA VAL B 246 11.54 -35.56 18.80
C VAL B 246 10.69 -36.82 19.00
N ASP B 247 10.29 -37.08 20.25
CA ASP B 247 9.25 -38.07 20.64
C ASP B 247 7.92 -37.31 20.77
N THR B 248 6.89 -37.74 20.02
CA THR B 248 5.54 -37.11 19.94
C THR B 248 4.93 -36.97 21.34
N LYS B 249 5.14 -37.95 22.23
CA LYS B 249 4.56 -38.03 23.60
C LYS B 249 5.01 -36.81 24.42
N VAL B 254 14.31 -33.43 24.59
CA VAL B 254 14.60 -33.54 23.13
C VAL B 254 16.12 -33.61 22.92
N LEU B 255 16.58 -34.50 22.02
CA LEU B 255 18.01 -34.66 21.63
C LEU B 255 18.26 -33.86 20.35
N SER B 256 19.35 -33.08 20.32
CA SER B 256 19.75 -32.21 19.18
C SER B 256 21.27 -32.15 19.04
N SER B 257 21.75 -32.06 17.80
CA SER B 257 23.19 -31.92 17.43
C SER B 257 23.35 -30.80 16.38
N ALA B 258 24.39 -29.96 16.54
CA ALA B 258 24.79 -28.91 15.57
C ALA B 258 25.59 -29.57 14.44
N VAL B 259 24.88 -30.13 13.45
CA VAL B 259 25.47 -30.98 12.35
C VAL B 259 26.09 -30.04 11.31
N HIS B 260 25.28 -29.14 10.76
CA HIS B 260 25.61 -28.25 9.61
C HIS B 260 25.90 -26.82 10.09
N SER B 261 26.60 -26.04 9.25
CA SER B 261 26.95 -24.61 9.46
C SER B 261 25.90 -23.69 8.83
N GLN B 262 24.93 -24.23 8.09
CA GLN B 262 23.81 -23.47 7.45
C GLN B 262 22.53 -24.32 7.47
N CYS B 263 21.41 -23.73 7.01
CA CYS B 263 20.04 -24.31 6.95
C CYS B 263 20.07 -25.79 6.56
N VAL B 264 19.33 -26.63 7.30
CA VAL B 264 19.14 -28.09 7.01
C VAL B 264 18.03 -28.22 5.97
N THR B 265 18.38 -28.48 4.71
CA THR B 265 17.47 -28.51 3.54
C THR B 265 16.60 -29.77 3.57
N GLY B 266 17.15 -30.91 3.98
CA GLY B 266 16.50 -32.24 3.90
C GLY B 266 16.99 -33.22 4.93
N LEU B 267 16.13 -34.17 5.31
CA LEU B 267 16.43 -35.30 6.22
C LEU B 267 15.79 -36.57 5.65
N VAL B 268 16.61 -37.61 5.40
CA VAL B 268 16.17 -38.90 4.79
C VAL B 268 16.79 -40.04 5.60
N PHE B 269 15.95 -40.98 6.07
CA PHE B 269 16.36 -42.20 6.81
C PHE B 269 16.74 -43.30 5.80
N SER B 270 17.77 -44.09 6.14
CA SER B 270 18.27 -45.24 5.34
C SER B 270 17.25 -46.38 5.41
N PRO B 271 17.29 -47.37 4.48
CA PRO B 271 16.30 -48.45 4.46
C PRO B 271 16.61 -49.62 5.40
N HIS B 272 17.56 -49.46 6.34
CA HIS B 272 18.00 -50.50 7.30
C HIS B 272 16.93 -50.70 8.38
N SER B 273 16.92 -51.87 9.02
CA SER B 273 16.09 -52.19 10.22
C SER B 273 16.51 -51.28 11.39
N VAL B 274 17.81 -51.00 11.51
CA VAL B 274 18.40 -49.94 12.37
C VAL B 274 18.85 -48.80 11.45
N PRO B 275 17.96 -47.83 11.11
CA PRO B 275 18.23 -46.88 10.04
C PRO B 275 19.19 -45.75 10.43
N PHE B 276 20.05 -45.34 9.49
CA PHE B 276 20.93 -44.14 9.56
C PHE B 276 20.19 -42.94 9.00
N LEU B 277 20.60 -41.72 9.40
CA LEU B 277 19.95 -40.44 9.03
C LEU B 277 20.89 -39.60 8.17
N ALA B 278 20.60 -39.50 6.87
CA ALA B 278 21.26 -38.56 5.92
C ALA B 278 20.69 -37.15 6.15
N SER B 279 21.57 -36.14 6.21
CA SER B 279 21.21 -34.71 6.41
C SER B 279 21.88 -33.84 5.34
N LEU B 280 21.09 -32.97 4.71
CA LEU B 280 21.48 -32.04 3.62
C LEU B 280 21.56 -30.62 4.19
N SER B 281 22.24 -29.71 3.49
CA SER B 281 22.35 -28.28 3.89
C SER B 281 22.86 -27.39 2.76
N GLU B 282 22.68 -26.08 2.95
CA GLU B 282 23.11 -24.99 2.02
C GLU B 282 24.61 -24.70 2.23
N ASP B 283 25.23 -25.29 3.25
CA ASP B 283 26.71 -25.28 3.45
C ASP B 283 27.38 -26.23 2.44
N CYS B 284 26.61 -26.94 1.60
CA CYS B 284 27.07 -27.72 0.41
C CYS B 284 27.68 -29.06 0.86
N SER B 285 27.32 -29.54 2.05
CA SER B 285 27.84 -30.81 2.64
C SER B 285 26.71 -31.80 2.85
N LEU B 286 27.06 -33.09 2.89
CA LEU B 286 26.21 -34.23 3.36
C LEU B 286 26.79 -34.71 4.69
N ALA B 287 25.92 -35.13 5.62
CA ALA B 287 26.26 -35.93 6.80
C ALA B 287 25.41 -37.21 6.79
N VAL B 288 25.90 -38.25 7.48
CA VAL B 288 25.12 -39.48 7.83
C VAL B 288 25.29 -39.72 9.33
N LEU B 289 24.18 -39.85 10.06
CA LEU B 289 24.13 -39.84 11.55
C LEU B 289 23.50 -41.15 12.06
N ASP B 290 23.89 -41.57 13.26
CA ASP B 290 23.37 -42.80 13.94
C ASP B 290 22.11 -42.42 14.73
N SER B 291 21.64 -43.34 15.60
CA SER B 291 20.47 -43.14 16.51
C SER B 291 20.70 -41.97 17.47
N SER B 292 21.95 -41.72 17.87
CA SER B 292 22.36 -40.68 18.86
C SER B 292 22.75 -39.36 18.17
N LEU B 293 22.44 -39.20 16.87
CA LEU B 293 22.78 -38.02 16.02
C LEU B 293 24.30 -37.78 16.01
N SER B 294 25.10 -38.85 16.06
CA SER B 294 26.59 -38.81 16.05
C SER B 294 27.09 -39.01 14.61
N GLU B 295 28.12 -38.26 14.20
CA GLU B 295 28.61 -38.17 12.80
C GLU B 295 29.35 -39.48 12.43
N LEU B 296 28.83 -40.18 11.42
CA LEU B 296 29.42 -41.45 10.87
C LEU B 296 30.20 -41.13 9.59
N PHE B 297 29.55 -40.47 8.62
CA PHE B 297 30.11 -40.07 7.31
C PHE B 297 29.99 -38.54 7.13
N ARG B 298 30.85 -37.99 6.26
CA ARG B 298 30.84 -36.55 5.85
C ARG B 298 31.33 -36.46 4.39
N SER B 299 30.65 -35.66 3.57
CA SER B 299 31.03 -35.41 2.14
C SER B 299 30.82 -33.94 1.78
N GLN B 300 31.92 -33.23 1.49
CA GLN B 300 31.92 -31.85 0.92
C GLN B 300 32.28 -31.95 -0.57
N ALA B 301 31.68 -32.92 -1.27
CA ALA B 301 31.96 -33.26 -2.68
C ALA B 301 31.21 -32.28 -3.60
N HIS B 302 29.99 -31.88 -3.19
CA HIS B 302 29.18 -30.85 -3.88
C HIS B 302 29.87 -29.49 -3.74
N ARG B 303 29.85 -28.69 -4.82
CA ARG B 303 30.42 -27.31 -4.87
C ARG B 303 29.28 -26.27 -4.84
N ASP B 304 28.04 -26.70 -4.60
CA ASP B 304 26.84 -25.82 -4.47
C ASP B 304 25.83 -26.52 -3.55
N PHE B 305 24.65 -25.92 -3.36
CA PHE B 305 23.59 -26.35 -2.41
C PHE B 305 23.19 -27.82 -2.68
N VAL B 306 23.18 -28.66 -1.63
CA VAL B 306 22.70 -30.08 -1.67
C VAL B 306 21.18 -30.04 -1.45
N ARG B 307 20.42 -30.65 -2.37
CA ARG B 307 18.94 -30.45 -2.49
C ARG B 307 18.16 -31.72 -2.13
N ASP B 308 18.60 -32.90 -2.57
CA ASP B 308 17.93 -34.19 -2.24
C ASP B 308 18.96 -35.31 -2.03
N ALA B 309 18.63 -36.23 -1.12
CA ALA B 309 19.33 -37.53 -0.88
C ALA B 309 18.31 -38.66 -1.07
N THR B 310 18.78 -39.84 -1.49
CA THR B 310 17.94 -41.03 -1.77
C THR B 310 18.79 -42.30 -1.65
N TRP B 311 18.44 -43.18 -0.70
CA TRP B 311 19.13 -44.47 -0.45
C TRP B 311 18.63 -45.52 -1.45
N SER B 312 19.54 -46.26 -2.08
CA SER B 312 19.24 -47.35 -3.05
C SER B 312 18.67 -48.56 -2.28
N PRO B 313 17.57 -49.18 -2.77
CA PRO B 313 17.06 -50.42 -2.17
C PRO B 313 17.84 -51.68 -2.55
N LEU B 314 18.61 -51.63 -3.66
CA LEU B 314 19.44 -52.75 -4.17
C LEU B 314 20.66 -52.92 -3.25
N ASN B 315 21.42 -51.83 -3.06
CA ASN B 315 22.57 -51.74 -2.12
C ASN B 315 22.24 -50.67 -1.08
N HIS B 316 21.93 -51.09 0.15
CA HIS B 316 21.50 -50.22 1.27
C HIS B 316 22.62 -49.27 1.71
N SER B 317 23.89 -49.64 1.50
CA SER B 317 25.08 -48.83 1.85
C SER B 317 25.29 -47.68 0.85
N LEU B 318 24.71 -47.74 -0.36
CA LEU B 318 24.84 -46.69 -1.41
C LEU B 318 23.79 -45.58 -1.17
N LEU B 319 24.23 -44.31 -1.28
CA LEU B 319 23.41 -43.09 -1.06
C LEU B 319 23.72 -42.06 -2.16
N THR B 320 22.72 -41.68 -2.95
CA THR B 320 22.84 -40.75 -4.11
C THR B 320 22.34 -39.35 -3.70
N THR B 321 23.18 -38.32 -3.87
CA THR B 321 22.86 -36.88 -3.63
C THR B 321 22.80 -36.12 -4.96
N VAL B 322 21.99 -35.07 -5.01
CA VAL B 322 21.91 -34.09 -6.13
C VAL B 322 21.95 -32.66 -5.56
N GLY B 323 22.57 -31.74 -6.31
CA GLY B 323 22.70 -30.32 -5.94
C GLY B 323 22.60 -29.39 -7.14
N TRP B 324 22.74 -28.08 -6.92
CA TRP B 324 22.66 -27.03 -7.97
C TRP B 324 23.96 -26.94 -8.78
N ASP B 325 25.03 -27.62 -8.33
CA ASP B 325 26.30 -27.79 -9.10
C ASP B 325 26.11 -28.80 -10.24
N HIS B 326 24.93 -29.44 -10.36
CA HIS B 326 24.54 -30.37 -11.46
C HIS B 326 25.31 -31.69 -11.33
N GLN B 327 25.74 -32.04 -10.10
CA GLN B 327 26.41 -33.32 -9.77
C GLN B 327 25.35 -34.33 -9.30
N VAL B 328 25.42 -35.56 -9.80
CA VAL B 328 24.72 -36.76 -9.23
C VAL B 328 25.81 -37.63 -8.61
N VAL B 329 26.11 -37.41 -7.32
CA VAL B 329 27.22 -38.08 -6.56
C VAL B 329 26.62 -39.30 -5.85
N HIS B 330 27.21 -40.49 -6.07
CA HIS B 330 26.87 -41.77 -5.39
C HIS B 330 27.89 -42.00 -4.27
N HIS B 331 27.42 -42.06 -3.01
CA HIS B 331 28.26 -42.19 -1.78
C HIS B 331 28.22 -43.64 -1.29
N VAL B 332 29.38 -44.22 -0.99
CA VAL B 332 29.54 -45.53 -0.31
C VAL B 332 29.65 -45.25 1.19
N VAL B 333 28.56 -45.44 1.94
CA VAL B 333 28.45 -45.12 3.39
C VAL B 333 29.12 -46.27 4.16
N PRO B 334 30.06 -45.99 5.10
CA PRO B 334 30.74 -47.04 5.86
C PRO B 334 29.78 -47.65 6.92
N THR B 335 28.93 -48.58 6.46
CA THR B 335 27.89 -49.27 7.27
C THR B 335 28.47 -50.59 7.82
#